data_9BAT
#
_entry.id   9BAT
#
_cell.length_a   69.596
_cell.length_b   63.135
_cell.length_c   104.860
_cell.angle_alpha   90.00
_cell.angle_beta   97.59
_cell.angle_gamma   90.00
#
_symmetry.space_group_name_H-M   'P 1 21 1'
#
loop_
_entity.id
_entity.type
_entity.pdbx_description
1 polymer 'Lanosterol 14-alpha demethylase'
2 non-polymer 'PROTOPORPHYRIN IX CONTAINING FE'
3 water water
#
_entity_poly.entity_id   1
_entity_poly.type   'polypeptide(L)'
_entity_poly.pdbx_seq_one_letter_code
;MAKKTKCPPYIPSRIPFLGHAVAFGKNPIEFLEKAYEKYGPVVSFTMVGKTFTFLLGSDAAALMFNSKNEDLSAEDVYSK
ITTPVFGKGVAYDVPNPIFLEQKKMLKTGLNIAQFKKHVPIIEQETEEYIKRWGDSGETNLFVAMSELIILTASSCLHGK
EIRSLLNEKVAQLYCDLDGGFSHEAWLLPSWLPLPSFRRRDRAHREIKNMFYTAIQKRRTSNEKVDDFLQTLIDATYKDG
HSLSDDEIAGLLIGLLLAGQHTSSTTSSWMSFFLARDKQLQERCLAEQKAVCGEDLPPLDFDQLKELSLLDRCLKETLRL
RPPIMTMMRMARSPQCVAGYTIPVGHQVCVSPTVNQRLPDSWTERDEFNPDRYLTDNAATGEKFAYVPFGAGRHRCIGEG
FAYVQLKTILSTLIRKFEFDLVDGYFPTINFTTMIHTPNNPVIRYRSRT
;
_entity_poly.pdbx_strand_id   A,B
#
loop_
_chem_comp.id
_chem_comp.type
_chem_comp.name
_chem_comp.formula
HEM non-polymer 'PROTOPORPHYRIN IX CONTAINING FE' 'C34 H32 Fe N4 O4'
#
# COMPACT_ATOMS: atom_id res chain seq x y z
N THR A 5 -2.00 5.01 -24.95
CA THR A 5 -2.72 4.26 -23.88
C THR A 5 -2.58 2.75 -24.11
N LYS A 6 -1.37 2.31 -24.47
CA LYS A 6 -1.07 0.89 -24.66
C LYS A 6 -0.33 0.36 -23.43
N CYS A 7 -1.11 0.09 -22.38
CA CYS A 7 -0.61 -0.20 -21.05
C CYS A 7 -0.25 -1.67 -20.91
N PRO A 8 0.68 -2.01 -19.98
CA PRO A 8 1.12 -3.39 -19.80
C PRO A 8 0.02 -4.24 -19.19
N PRO A 9 0.15 -5.58 -19.23
CA PRO A 9 -0.81 -6.43 -18.55
C PRO A 9 -1.03 -6.01 -17.10
N TYR A 10 -2.29 -6.02 -16.66
CA TYR A 10 -2.66 -5.61 -15.32
C TYR A 10 -3.39 -6.75 -14.64
N ILE A 11 -2.89 -7.20 -13.48
CA ILE A 11 -3.50 -8.28 -12.74
C ILE A 11 -4.69 -7.71 -11.98
N PRO A 12 -5.92 -8.20 -12.26
CA PRO A 12 -7.11 -7.67 -11.59
C PRO A 12 -7.29 -8.24 -10.19
N SER A 13 -8.17 -7.58 -9.42
CA SER A 13 -8.39 -7.89 -8.03
C SER A 13 -9.87 -7.72 -7.71
N ARG A 14 -10.41 -8.58 -6.84
CA ARG A 14 -11.79 -8.49 -6.41
C ARG A 14 -11.90 -7.64 -5.14
N ILE A 15 -10.77 -7.31 -4.51
CA ILE A 15 -10.76 -6.49 -3.30
C ILE A 15 -10.43 -5.06 -3.71
N PRO A 16 -11.38 -4.11 -3.60
CA PRO A 16 -11.24 -2.80 -4.22
C PRO A 16 -9.98 -2.00 -3.91
N PHE A 17 -9.77 -1.59 -2.66
CA PHE A 17 -8.69 -0.65 -2.40
C PHE A 17 -7.37 -1.38 -2.12
N LEU A 18 -7.41 -2.47 -1.34
CA LEU A 18 -6.20 -3.16 -0.95
C LEU A 18 -5.56 -3.88 -2.13
N GLY A 19 -6.37 -4.25 -3.12
CA GLY A 19 -5.85 -4.95 -4.28
C GLY A 19 -5.18 -6.25 -3.87
N HIS A 20 -3.92 -6.41 -4.27
CA HIS A 20 -3.18 -7.65 -4.04
C HIS A 20 -2.29 -7.56 -2.80
N ALA A 21 -2.64 -6.72 -1.83
CA ALA A 21 -1.83 -6.56 -0.63
C ALA A 21 -1.56 -7.92 0.02
N VAL A 22 -2.60 -8.73 0.22
CA VAL A 22 -2.46 -10.00 0.91
C VAL A 22 -1.63 -10.97 0.07
N ALA A 23 -2.03 -11.17 -1.19
CA ALA A 23 -1.39 -12.15 -2.05
C ALA A 23 0.09 -11.81 -2.22
N PHE A 24 0.37 -10.55 -2.57
CA PHE A 24 1.73 -10.12 -2.77
C PHE A 24 2.51 -10.17 -1.44
N GLY A 25 1.94 -9.58 -0.42
CA GLY A 25 2.63 -9.53 0.87
C GLY A 25 2.93 -10.89 1.47
N LYS A 26 2.15 -11.91 1.09
CA LYS A 26 2.32 -13.25 1.63
C LYS A 26 3.62 -13.85 1.13
N ASN A 27 3.96 -13.60 -0.13
CA ASN A 27 5.21 -14.06 -0.72
C ASN A 27 5.48 -13.23 -1.98
N PRO A 28 6.16 -12.07 -1.87
CA PRO A 28 6.38 -11.20 -3.03
C PRO A 28 7.14 -11.87 -4.15
N ILE A 29 8.08 -12.75 -3.80
CA ILE A 29 8.93 -13.37 -4.81
C ILE A 29 8.13 -14.41 -5.59
N GLU A 30 7.39 -15.26 -4.88
CA GLU A 30 6.60 -16.27 -5.55
C GLU A 30 5.53 -15.60 -6.42
N PHE A 31 4.94 -14.53 -5.88
CA PHE A 31 3.92 -13.79 -6.63
C PHE A 31 4.51 -13.34 -7.97
N LEU A 32 5.74 -12.79 -7.93
CA LEU A 32 6.31 -12.14 -9.11
C LEU A 32 6.84 -13.19 -10.09
N GLU A 33 7.40 -14.28 -9.56
CA GLU A 33 7.78 -15.40 -10.39
C GLU A 33 6.58 -15.87 -11.21
N LYS A 34 5.44 -16.08 -10.53
CA LYS A 34 4.23 -16.51 -11.21
C LYS A 34 3.75 -15.46 -12.22
N ALA A 35 3.90 -14.17 -11.88
CA ALA A 35 3.42 -13.10 -12.74
C ALA A 35 4.24 -13.06 -14.02
N TYR A 36 5.56 -13.35 -13.94
CA TYR A 36 6.42 -13.38 -15.10
C TYR A 36 6.00 -14.49 -16.06
N GLU A 37 5.68 -15.66 -15.50
CA GLU A 37 5.14 -16.78 -16.26
C GLU A 37 3.84 -16.39 -16.96
N LYS A 38 2.83 -15.93 -16.20
CA LYS A 38 1.52 -15.68 -16.76
C LYS A 38 1.49 -14.42 -17.65
N TYR A 39 2.20 -13.36 -17.28
CA TYR A 39 1.93 -12.04 -17.85
C TYR A 39 3.13 -11.45 -18.60
N GLY A 40 4.32 -12.01 -18.45
CA GLY A 40 5.45 -11.50 -19.21
C GLY A 40 6.38 -10.64 -18.36
N PRO A 41 7.25 -9.85 -19.02
CA PRO A 41 8.29 -9.09 -18.31
C PRO A 41 7.88 -7.74 -17.71
N VAL A 42 6.65 -7.29 -17.99
CA VAL A 42 6.15 -6.04 -17.44
C VAL A 42 4.69 -6.20 -17.08
N VAL A 43 4.39 -6.26 -15.79
CA VAL A 43 3.02 -6.49 -15.31
C VAL A 43 2.67 -5.39 -14.33
N SER A 44 1.38 -5.07 -14.25
CA SER A 44 0.87 -4.09 -13.31
C SER A 44 -0.15 -4.73 -12.35
N PHE A 45 -0.27 -4.16 -11.16
CA PHE A 45 -1.30 -4.56 -10.23
C PHE A 45 -1.43 -3.51 -9.13
N THR A 46 -2.60 -3.50 -8.49
CA THR A 46 -2.92 -2.53 -7.46
C THR A 46 -2.57 -3.06 -6.07
N MET A 47 -1.95 -2.21 -5.26
CA MET A 47 -1.72 -2.52 -3.86
C MET A 47 -1.99 -1.26 -3.06
N VAL A 48 -2.99 -1.34 -2.17
CA VAL A 48 -3.31 -0.30 -1.21
C VAL A 48 -3.29 1.06 -1.89
N GLY A 49 -4.10 1.20 -2.94
CA GLY A 49 -4.32 2.49 -3.57
C GLY A 49 -3.39 2.78 -4.75
N LYS A 50 -2.24 2.12 -4.84
CA LYS A 50 -1.25 2.42 -5.85
C LYS A 50 -1.22 1.31 -6.90
N THR A 51 -1.03 1.72 -8.16
CA THR A 51 -0.70 0.79 -9.22
C THR A 51 0.80 0.60 -9.28
N PHE A 52 1.27 -0.64 -9.21
CA PHE A 52 2.68 -0.95 -9.27
C PHE A 52 2.96 -1.64 -10.59
N THR A 53 4.02 -1.21 -11.27
CA THR A 53 4.47 -1.85 -12.50
C THR A 53 5.89 -2.36 -12.25
N PHE A 54 6.04 -3.68 -12.28
CA PHE A 54 7.32 -4.31 -12.05
C PHE A 54 7.99 -4.59 -13.37
N LEU A 55 9.30 -4.35 -13.42
CA LEU A 55 10.14 -4.70 -14.56
C LEU A 55 10.89 -5.98 -14.22
N LEU A 56 10.43 -7.10 -14.81
CA LEU A 56 10.96 -8.41 -14.48
C LEU A 56 11.88 -8.87 -15.59
N GLY A 57 13.07 -9.37 -15.19
CA GLY A 57 14.09 -9.76 -16.12
C GLY A 57 14.98 -8.58 -16.54
N SER A 58 16.14 -8.93 -17.11
CA SER A 58 17.19 -7.98 -17.41
C SER A 58 16.72 -6.96 -18.45
N ASP A 59 16.08 -7.44 -19.52
CA ASP A 59 15.70 -6.56 -20.62
C ASP A 59 14.67 -5.52 -20.21
N ALA A 60 13.75 -5.89 -19.32
CA ALA A 60 12.76 -4.94 -18.83
C ALA A 60 13.39 -4.00 -17.80
N ALA A 61 14.19 -4.53 -16.87
CA ALA A 61 14.83 -3.71 -15.85
C ALA A 61 15.73 -2.63 -16.45
N ALA A 62 16.11 -2.78 -17.72
CA ALA A 62 16.96 -1.80 -18.38
C ALA A 62 16.34 -0.39 -18.37
N LEU A 63 15.00 -0.30 -18.34
CA LEU A 63 14.35 1.00 -18.35
C LEU A 63 14.77 1.83 -17.15
N MET A 64 14.72 1.24 -15.95
CA MET A 64 14.98 1.97 -14.73
C MET A 64 16.48 2.26 -14.57
N PHE A 65 17.31 1.28 -14.91
CA PHE A 65 18.76 1.44 -14.76
C PHE A 65 19.33 2.47 -15.73
N ASN A 66 18.70 2.67 -16.89
CA ASN A 66 19.16 3.67 -17.85
C ASN A 66 18.29 4.92 -17.80
N SER A 67 17.55 5.12 -16.71
CA SER A 67 16.59 6.22 -16.64
C SER A 67 17.23 7.42 -16.00
N LYS A 68 16.57 8.58 -16.17
CA LYS A 68 16.98 9.80 -15.50
C LYS A 68 15.89 10.22 -14.53
N ASN A 69 16.31 10.90 -13.46
CA ASN A 69 15.43 11.21 -12.33
C ASN A 69 14.25 12.08 -12.77
N GLU A 70 14.32 12.68 -13.96
CA GLU A 70 13.25 13.54 -14.46
C GLU A 70 12.08 12.72 -14.98
N ASP A 71 12.34 11.46 -15.37
CA ASP A 71 11.30 10.56 -15.87
C ASP A 71 10.81 9.59 -14.79
N LEU A 72 11.76 8.87 -14.17
CA LEU A 72 11.46 7.94 -13.09
C LEU A 72 12.09 8.50 -11.83
N SER A 73 11.23 8.97 -10.91
CA SER A 73 11.63 9.84 -9.82
C SER A 73 11.79 9.06 -8.52
N ALA A 74 12.95 9.21 -7.88
CA ALA A 74 13.18 8.64 -6.56
C ALA A 74 12.69 9.59 -5.47
N GLU A 75 12.97 10.89 -5.64
CA GLU A 75 12.56 11.89 -4.67
C GLU A 75 11.04 11.97 -4.52
N ASP A 76 10.28 11.21 -5.33
CA ASP A 76 8.84 11.20 -5.23
C ASP A 76 8.35 9.98 -4.43
N VAL A 77 9.26 9.05 -4.08
CA VAL A 77 8.89 7.87 -3.32
C VAL A 77 9.89 7.62 -2.18
N TYR A 78 11.12 8.09 -2.35
CA TYR A 78 12.21 7.79 -1.41
C TYR A 78 12.54 9.00 -0.52
N SER A 79 11.80 10.10 -0.64
CA SER A 79 12.17 11.34 0.04
C SER A 79 11.63 11.39 1.47
N LYS A 80 10.31 11.16 1.63
CA LYS A 80 9.70 11.18 2.96
C LYS A 80 9.90 9.85 3.67
N ILE A 81 10.61 8.92 3.02
CA ILE A 81 11.12 7.73 3.66
C ILE A 81 12.38 8.04 4.46
N THR A 82 13.20 8.96 3.92
CA THR A 82 14.58 9.17 4.37
C THR A 82 14.78 10.51 5.08
N THR A 83 14.06 11.56 4.66
CA THR A 83 14.33 12.90 5.17
C THR A 83 14.23 12.97 6.69
N PRO A 84 13.19 12.40 7.36
CA PRO A 84 13.20 12.35 8.83
C PRO A 84 14.29 11.47 9.44
N VAL A 85 14.99 10.69 8.60
CA VAL A 85 16.02 9.79 9.08
C VAL A 85 17.40 10.47 9.00
N PHE A 86 17.70 11.10 7.87
CA PHE A 86 19.05 11.62 7.63
C PHE A 86 19.17 13.10 8.02
N GLY A 87 18.10 13.88 7.80
CA GLY A 87 18.06 15.27 8.20
C GLY A 87 17.79 16.21 7.03
N LYS A 88 17.70 17.51 7.35
CA LYS A 88 17.51 18.53 6.34
C LYS A 88 18.84 18.89 5.67
N GLY A 89 18.75 19.36 4.43
CA GLY A 89 19.92 19.76 3.67
C GLY A 89 20.85 18.58 3.35
N VAL A 90 20.30 17.36 3.35
CA VAL A 90 21.08 16.16 3.11
C VAL A 90 20.12 15.07 2.61
N ALA A 91 20.63 14.21 1.72
CA ALA A 91 19.87 13.11 1.12
C ALA A 91 18.77 13.66 0.21
N TYR A 92 17.61 12.98 0.18
CA TYR A 92 16.58 13.27 -0.79
C TYR A 92 15.72 14.46 -0.39
N ASP A 93 16.32 15.45 0.29
CA ASP A 93 15.58 16.65 0.66
C ASP A 93 16.20 17.89 0.00
N VAL A 94 17.09 17.68 -0.97
CA VAL A 94 17.73 18.79 -1.67
C VAL A 94 17.60 18.54 -3.16
N PRO A 95 17.69 19.60 -4.00
CA PRO A 95 17.66 19.42 -5.44
C PRO A 95 18.73 18.46 -5.93
N ASN A 96 18.38 17.70 -6.98
CA ASN A 96 19.23 16.65 -7.52
C ASN A 96 20.65 17.15 -7.80
N PRO A 97 20.88 18.31 -8.46
CA PRO A 97 22.25 18.78 -8.69
C PRO A 97 23.07 19.01 -7.43
N ILE A 98 22.47 19.58 -6.37
CA ILE A 98 23.19 19.74 -5.10
C ILE A 98 23.14 18.45 -4.28
N PHE A 99 22.10 17.64 -4.48
CA PHE A 99 22.09 16.29 -3.94
C PHE A 99 23.30 15.53 -4.49
N LEU A 100 23.50 15.59 -5.82
CA LEU A 100 24.59 14.87 -6.46
C LEU A 100 25.94 15.53 -6.20
N GLU A 101 25.93 16.78 -5.70
CA GLU A 101 27.18 17.41 -5.31
C GLU A 101 27.76 16.72 -4.08
N GLN A 102 26.92 16.45 -3.08
CA GLN A 102 27.38 15.79 -1.87
C GLN A 102 27.73 14.33 -2.17
N LYS A 103 26.95 13.69 -3.05
CA LYS A 103 27.23 12.32 -3.42
C LYS A 103 28.58 12.20 -4.11
N LYS A 104 28.97 13.22 -4.86
CA LYS A 104 30.29 13.22 -5.49
C LYS A 104 31.37 13.51 -4.46
N MET A 105 31.01 14.19 -3.36
CA MET A 105 31.95 14.39 -2.26
C MET A 105 32.15 13.08 -1.50
N LEU A 106 31.08 12.31 -1.32
CA LEU A 106 31.18 11.03 -0.62
C LEU A 106 32.00 10.04 -1.44
N LYS A 107 31.80 10.01 -2.75
CA LYS A 107 32.43 9.00 -3.61
C LYS A 107 33.93 9.26 -3.73
N THR A 108 34.36 10.53 -3.62
CA THR A 108 35.78 10.85 -3.66
C THR A 108 36.46 10.26 -2.44
N GLY A 109 35.89 10.49 -1.24
CA GLY A 109 36.45 9.99 0.01
C GLY A 109 36.41 8.46 0.14
N LEU A 110 35.63 7.77 -0.72
CA LEU A 110 35.58 6.32 -0.71
C LEU A 110 36.39 5.77 -1.86
N ASN A 111 37.71 5.87 -1.71
CA ASN A 111 38.66 5.50 -2.75
C ASN A 111 39.60 4.43 -2.22
N ILE A 112 40.41 3.87 -3.12
CA ILE A 112 41.32 2.78 -2.78
C ILE A 112 42.34 3.23 -1.73
N ALA A 113 42.87 4.45 -1.85
CA ALA A 113 43.85 4.92 -0.89
C ALA A 113 43.27 4.82 0.52
N GLN A 114 41.97 5.05 0.68
CA GLN A 114 41.35 4.94 1.99
C GLN A 114 41.06 3.48 2.31
N PHE A 115 40.69 2.69 1.29
CA PHE A 115 40.40 1.28 1.50
C PHE A 115 41.63 0.55 2.00
N LYS A 116 42.82 0.98 1.58
CA LYS A 116 44.07 0.38 2.05
C LYS A 116 44.25 0.68 3.53
N LYS A 117 43.86 1.87 3.97
CA LYS A 117 43.93 2.21 5.39
C LYS A 117 42.81 1.52 6.15
N HIS A 118 41.67 1.26 5.48
CA HIS A 118 40.47 0.76 6.17
C HIS A 118 40.65 -0.69 6.59
N VAL A 119 41.29 -1.51 5.73
CA VAL A 119 41.42 -2.93 6.01
C VAL A 119 42.07 -3.21 7.38
N PRO A 120 43.19 -2.56 7.77
CA PRO A 120 43.67 -2.74 9.14
C PRO A 120 42.65 -2.39 10.22
N ILE A 121 42.01 -1.23 10.09
CA ILE A 121 41.11 -0.74 11.13
C ILE A 121 39.98 -1.74 11.35
N ILE A 122 39.50 -2.36 10.26
CA ILE A 122 38.37 -3.27 10.35
C ILE A 122 38.75 -4.53 11.12
N GLU A 123 40.00 -4.97 10.96
CA GLU A 123 40.47 -6.19 11.64
C GLU A 123 40.62 -5.96 13.14
N GLN A 124 41.14 -4.79 13.54
CA GLN A 124 41.26 -4.46 14.96
C GLN A 124 39.90 -4.44 15.63
N GLU A 125 38.90 -3.81 14.99
CA GLU A 125 37.56 -3.72 15.57
C GLU A 125 36.92 -5.11 15.61
N THR A 126 37.23 -5.95 14.62
CA THR A 126 36.68 -7.29 14.59
C THR A 126 37.35 -8.14 15.66
N GLU A 127 38.67 -7.97 15.87
CA GLU A 127 39.40 -8.83 16.79
C GLU A 127 39.00 -8.52 18.23
N GLU A 128 38.83 -7.24 18.56
CA GLU A 128 38.45 -6.86 19.91
C GLU A 128 36.98 -7.17 20.18
N TYR A 129 36.13 -7.14 19.15
CA TYR A 129 34.72 -7.44 19.35
C TYR A 129 34.54 -8.96 19.52
N ILE A 130 35.05 -9.74 18.55
CA ILE A 130 34.73 -11.16 18.46
C ILE A 130 35.41 -11.92 19.60
N LYS A 131 36.25 -11.22 20.38
CA LYS A 131 36.78 -11.79 21.62
C LYS A 131 35.66 -12.03 22.64
N ARG A 132 34.60 -11.21 22.61
CA ARG A 132 33.43 -11.46 23.43
C ARG A 132 32.94 -12.91 23.29
N TRP A 133 33.09 -13.49 22.10
CA TRP A 133 32.68 -14.86 21.87
C TRP A 133 33.47 -15.82 22.75
N GLY A 134 34.76 -15.54 22.94
CA GLY A 134 35.61 -16.40 23.74
C GLY A 134 36.07 -17.63 22.96
N ASP A 135 35.93 -18.80 23.58
CA ASP A 135 36.46 -20.04 23.00
C ASP A 135 35.40 -20.70 22.13
N SER A 136 34.20 -20.90 22.67
CA SER A 136 33.12 -21.52 21.93
C SER A 136 31.79 -21.11 22.56
N GLY A 137 30.70 -21.33 21.81
CA GLY A 137 29.38 -20.94 22.24
C GLY A 137 28.46 -20.73 21.06
N GLU A 138 27.37 -20.00 21.31
CA GLU A 138 26.36 -19.75 20.29
C GLU A 138 25.88 -18.30 20.42
N THR A 139 25.77 -17.62 19.28
CA THR A 139 25.35 -16.23 19.26
C THR A 139 24.23 -16.02 18.25
N ASN A 140 23.50 -14.92 18.46
CA ASN A 140 22.54 -14.42 17.48
C ASN A 140 23.32 -13.65 16.42
N LEU A 141 23.49 -14.23 15.24
CA LEU A 141 24.48 -13.72 14.29
C LEU A 141 24.01 -12.41 13.67
N PHE A 142 22.72 -12.32 13.33
CA PHE A 142 22.18 -11.10 12.77
C PHE A 142 22.40 -9.94 13.74
N VAL A 143 22.18 -10.19 15.02
CA VAL A 143 22.42 -9.16 16.02
C VAL A 143 23.94 -8.94 16.17
N ALA A 144 24.71 -10.02 16.03
CA ALA A 144 26.16 -9.92 16.19
C ALA A 144 26.74 -9.02 15.10
N MET A 145 26.31 -9.25 13.85
CA MET A 145 26.81 -8.45 12.73
C MET A 145 26.35 -6.99 12.88
N SER A 146 25.09 -6.79 13.28
CA SER A 146 24.56 -5.46 13.44
C SER A 146 25.48 -4.61 14.31
N GLU A 147 25.95 -5.19 15.41
CA GLU A 147 26.79 -4.46 16.36
C GLU A 147 28.22 -4.26 15.81
N LEU A 148 28.78 -5.30 15.18
CA LEU A 148 30.11 -5.20 14.61
C LEU A 148 30.17 -4.21 13.44
N ILE A 149 29.18 -4.26 12.54
CA ILE A 149 29.20 -3.40 11.37
C ILE A 149 29.18 -1.94 11.79
N ILE A 150 28.42 -1.61 12.85
CA ILE A 150 28.37 -0.23 13.32
C ILE A 150 29.77 0.23 13.73
N LEU A 151 30.49 -0.63 14.48
CA LEU A 151 31.82 -0.27 14.96
C LEU A 151 32.80 -0.12 13.79
N THR A 152 32.82 -1.11 12.90
CA THR A 152 33.72 -1.10 11.77
C THR A 152 33.46 0.13 10.91
N ALA A 153 32.19 0.36 10.55
CA ALA A 153 31.82 1.49 9.70
C ALA A 153 32.18 2.81 10.38
N SER A 154 31.90 2.92 11.69
CA SER A 154 32.16 4.14 12.44
C SER A 154 33.65 4.44 12.49
N SER A 155 34.48 3.40 12.62
CA SER A 155 35.91 3.57 12.73
C SER A 155 36.58 3.71 11.36
N CYS A 156 35.80 3.84 10.28
CA CYS A 156 36.35 4.02 8.94
C CYS A 156 35.87 5.32 8.29
N LEU A 157 34.56 5.60 8.39
CA LEU A 157 33.96 6.75 7.72
C LEU A 157 33.84 7.96 8.65
N HIS A 158 33.65 7.71 9.95
CA HIS A 158 33.44 8.80 10.89
C HIS A 158 34.76 9.31 11.47
N GLY A 159 35.75 8.41 11.59
CA GLY A 159 37.06 8.77 12.12
C GLY A 159 37.33 8.08 13.45
N LYS A 160 38.36 8.56 14.14
CA LYS A 160 38.75 7.98 15.42
C LYS A 160 38.21 8.81 16.59
N GLU A 161 38.03 10.12 16.38
CA GLU A 161 37.39 10.94 17.40
C GLU A 161 36.00 10.41 17.71
N ILE A 162 35.23 10.09 16.66
CA ILE A 162 33.85 9.66 16.84
C ILE A 162 33.79 8.22 17.33
N ARG A 163 34.75 7.39 16.95
CA ARG A 163 34.83 6.03 17.48
C ARG A 163 35.12 6.08 18.98
N SER A 164 36.07 6.93 19.37
CA SER A 164 36.38 7.16 20.78
C SER A 164 35.10 7.51 21.55
N LEU A 165 34.24 8.32 20.94
CA LEU A 165 33.00 8.76 21.58
C LEU A 165 31.94 7.66 21.58
N LEU A 166 32.17 6.57 20.82
CA LEU A 166 31.15 5.55 20.65
C LEU A 166 31.23 4.54 21.82
N ASN A 167 30.08 4.10 22.32
CA ASN A 167 30.01 3.07 23.35
C ASN A 167 28.83 2.17 23.02
N GLU A 168 28.68 1.04 23.74
CA GLU A 168 27.60 0.10 23.47
C GLU A 168 26.26 0.79 23.70
N LYS A 169 26.32 2.01 24.25
CA LYS A 169 25.13 2.80 24.52
C LYS A 169 24.50 3.29 23.22
N VAL A 170 25.33 3.77 22.28
CA VAL A 170 24.83 4.45 21.09
C VAL A 170 24.54 3.44 19.96
N ALA A 171 25.11 2.23 20.01
CA ALA A 171 24.97 1.28 18.92
C ALA A 171 23.51 1.03 18.56
N GLN A 172 22.63 0.93 19.57
CA GLN A 172 21.21 0.82 19.30
C GLN A 172 20.51 2.17 19.22
N LEU A 173 21.19 3.27 19.57
CA LEU A 173 20.61 4.58 19.33
C LEU A 173 20.50 4.85 17.83
N TYR A 174 21.22 4.06 17.02
CA TYR A 174 21.03 4.07 15.58
C TYR A 174 19.75 3.32 15.18
N CYS A 175 19.28 2.42 16.05
CA CYS A 175 18.09 1.64 15.76
C CYS A 175 16.85 2.53 15.73
N ASP A 176 16.71 3.46 16.70
CA ASP A 176 15.61 4.41 16.66
C ASP A 176 15.83 5.40 15.51
N LEU A 177 17.09 5.73 15.23
CA LEU A 177 17.42 6.54 14.08
C LEU A 177 17.06 5.77 12.81
N ASP A 178 17.25 4.45 12.84
CA ASP A 178 16.96 3.60 11.66
C ASP A 178 15.46 3.62 11.40
N GLY A 179 14.67 3.42 12.45
CA GLY A 179 13.21 3.51 12.27
C GLY A 179 12.87 4.83 11.59
N GLY A 180 13.57 5.89 11.99
CA GLY A 180 13.34 7.22 11.37
C GLY A 180 14.37 8.23 11.85
N HIS A 183 7.88 1.44 5.93
CA HIS A 183 7.84 2.28 4.71
C HIS A 183 9.28 2.60 4.32
N GLU A 184 10.19 2.37 5.24
CA GLU A 184 11.57 2.74 4.99
C GLU A 184 12.22 1.66 4.11
N ALA A 185 12.07 1.80 2.78
CA ALA A 185 12.81 1.02 1.79
C ALA A 185 12.34 -0.43 1.75
N TRP A 186 12.39 -1.02 0.55
CA TRP A 186 12.00 -2.41 0.38
C TRP A 186 13.22 -3.23 0.73
N LEU A 187 13.49 -3.32 2.03
CA LEU A 187 14.53 -4.19 2.55
C LEU A 187 14.01 -5.61 2.73
N LEU A 188 14.93 -6.56 2.61
CA LEU A 188 14.68 -7.93 3.01
C LEU A 188 14.45 -7.96 4.51
N PRO A 189 13.35 -8.59 5.00
CA PRO A 189 13.14 -8.73 6.43
C PRO A 189 14.21 -9.60 7.06
N SER A 190 14.66 -9.20 8.25
CA SER A 190 15.66 -9.95 9.00
C SER A 190 15.34 -9.80 10.49
N TRP A 191 16.06 -10.58 11.30
CA TRP A 191 15.79 -10.71 12.72
C TRP A 191 16.71 -9.80 13.53
N LEU A 192 17.00 -8.60 12.99
CA LEU A 192 17.82 -7.63 13.71
C LEU A 192 17.05 -7.11 14.92
N PRO A 193 17.75 -6.50 15.91
CA PRO A 193 17.06 -5.88 17.04
C PRO A 193 15.94 -4.96 16.55
N LEU A 194 14.69 -5.31 16.86
CA LEU A 194 13.53 -4.59 16.34
C LEU A 194 12.72 -3.98 17.47
N PRO A 195 13.29 -3.07 18.31
CA PRO A 195 12.45 -2.14 19.07
C PRO A 195 11.99 -0.99 18.17
N SER A 196 12.84 -0.63 17.19
CA SER A 196 12.53 0.39 16.19
C SER A 196 12.26 1.76 16.83
N PHE A 197 11.45 1.78 17.90
CA PHE A 197 11.16 3.02 18.62
C PHE A 197 12.31 3.39 19.55
N ARG A 198 12.78 2.44 20.36
CA ARG A 198 13.92 2.66 21.24
C ARG A 198 13.69 3.95 22.02
N ARG A 199 14.41 5.02 21.61
CA ARG A 199 14.23 6.36 22.15
C ARG A 199 14.27 7.34 20.98
N ARG A 200 13.17 7.39 20.24
CA ARG A 200 13.06 8.30 19.11
C ARG A 200 13.20 9.73 19.61
N ASP A 201 13.61 10.62 18.69
CA ASP A 201 13.70 12.05 18.95
C ASP A 201 14.87 12.38 19.87
N ARG A 202 15.35 11.40 20.64
CA ARG A 202 16.39 11.62 21.64
C ARG A 202 17.77 11.42 21.03
N ALA A 203 17.94 10.34 20.23
CA ALA A 203 19.17 10.12 19.51
C ALA A 203 19.49 11.28 18.58
N HIS A 204 18.45 11.85 17.95
CA HIS A 204 18.60 12.97 17.05
C HIS A 204 19.39 14.12 17.72
N ARG A 205 19.23 14.27 19.04
CA ARG A 205 20.01 15.25 19.78
C ARG A 205 21.36 14.65 20.19
N GLU A 206 21.33 13.49 20.86
CA GLU A 206 22.54 12.83 21.33
C GLU A 206 23.53 12.67 20.18
N ILE A 207 23.11 11.95 19.13
CA ILE A 207 24.03 11.55 18.07
C ILE A 207 24.51 12.76 17.27
N LYS A 208 23.60 13.71 16.98
CA LYS A 208 23.99 14.87 16.20
C LYS A 208 25.06 15.69 16.92
N ASN A 209 24.91 15.86 18.24
CA ASN A 209 25.85 16.67 19.00
C ASN A 209 27.14 15.91 19.28
N MET A 210 27.10 14.58 19.19
CA MET A 210 28.32 13.79 19.21
C MET A 210 29.24 14.22 18.07
N PHE A 211 28.65 14.57 16.92
CA PHE A 211 29.42 14.94 15.74
C PHE A 211 29.91 16.38 15.85
N TYR A 212 29.02 17.31 16.20
CA TYR A 212 29.37 18.72 16.28
C TYR A 212 30.66 18.89 17.09
N THR A 213 30.73 18.19 18.22
CA THR A 213 31.88 18.30 19.11
C THR A 213 33.13 17.74 18.46
N ALA A 214 33.02 16.53 17.90
CA ALA A 214 34.17 15.91 17.25
C ALA A 214 34.62 16.74 16.06
N ILE A 215 33.66 17.32 15.32
CA ILE A 215 33.99 18.09 14.13
C ILE A 215 34.78 19.35 14.52
N GLN A 216 34.47 19.93 15.68
CA GLN A 216 35.16 21.14 16.09
C GLN A 216 36.62 20.86 16.46
N LYS A 217 36.93 19.61 16.84
CA LYS A 217 38.32 19.27 17.14
C LYS A 217 39.17 19.35 15.89
N ARG A 218 38.56 19.11 14.73
CA ARG A 218 39.29 19.14 13.46
C ARG A 218 39.29 20.56 12.86
N ARG A 219 38.32 21.40 13.24
CA ARG A 219 38.21 22.75 12.69
C ARG A 219 39.37 23.62 13.17
N THR A 220 39.39 23.92 14.47
CA THR A 220 40.43 24.75 15.05
C THR A 220 41.54 23.85 15.59
N SER A 221 42.40 23.42 14.66
CA SER A 221 43.53 22.56 14.91
C SER A 221 44.21 22.28 13.57
N ASN A 222 45.44 21.77 13.61
CA ASN A 222 46.17 21.45 12.40
C ASN A 222 46.50 19.95 12.38
N GLU A 223 45.48 19.14 12.65
CA GLU A 223 45.58 17.70 12.47
C GLU A 223 44.88 17.31 11.16
N LYS A 224 45.17 18.05 10.08
CA LYS A 224 44.64 17.74 8.76
C LYS A 224 45.22 16.40 8.30
N VAL A 225 44.40 15.35 8.40
CA VAL A 225 44.82 13.98 8.13
C VAL A 225 44.09 13.45 6.90
N ASP A 226 44.47 12.24 6.48
CA ASP A 226 43.76 11.52 5.43
C ASP A 226 42.79 10.53 6.07
N ASP A 227 41.65 11.04 6.53
CA ASP A 227 40.52 10.22 6.91
C ASP A 227 39.28 10.80 6.25
N PHE A 228 38.18 10.04 6.30
CA PHE A 228 36.99 10.39 5.54
C PHE A 228 36.42 11.73 5.98
N LEU A 229 36.50 12.05 7.29
CA LEU A 229 35.95 13.28 7.81
C LEU A 229 36.73 14.50 7.29
N GLN A 230 38.05 14.36 7.14
CA GLN A 230 38.87 15.43 6.60
C GLN A 230 38.56 15.68 5.14
N THR A 231 37.97 14.70 4.45
CA THR A 231 37.48 14.92 3.10
C THR A 231 36.28 15.88 3.11
N LEU A 232 35.46 15.82 4.17
CA LEU A 232 34.24 16.61 4.23
C LEU A 232 34.45 17.99 4.86
N ILE A 233 35.41 18.12 5.78
CA ILE A 233 35.64 19.42 6.39
C ILE A 233 36.25 20.36 5.35
N ASP A 234 37.23 19.87 4.58
CA ASP A 234 37.88 20.67 3.56
C ASP A 234 37.07 20.73 2.28
N ALA A 235 36.06 19.85 2.14
CA ALA A 235 35.24 19.83 0.93
C ALA A 235 34.56 21.17 0.75
N THR A 236 34.57 21.65 -0.50
CA THR A 236 33.87 22.85 -0.90
C THR A 236 32.85 22.52 -1.98
N TYR A 237 31.66 23.14 -1.89
CA TYR A 237 30.72 23.12 -3.01
C TYR A 237 31.37 23.79 -4.22
N LYS A 238 30.70 23.67 -5.37
CA LYS A 238 31.20 24.34 -6.57
C LYS A 238 30.87 25.84 -6.55
N ASP A 239 30.30 26.35 -5.46
CA ASP A 239 30.10 27.78 -5.28
C ASP A 239 31.03 28.34 -4.20
N GLY A 240 32.01 27.53 -3.75
CA GLY A 240 32.98 27.99 -2.77
C GLY A 240 32.58 27.65 -1.33
N HIS A 241 31.33 27.98 -0.98
CA HIS A 241 30.80 27.72 0.35
C HIS A 241 31.01 26.25 0.70
N SER A 242 31.69 25.99 1.82
CA SER A 242 31.90 24.62 2.28
C SER A 242 30.69 24.16 3.08
N LEU A 243 30.66 22.87 3.42
CA LEU A 243 29.52 22.31 4.13
C LEU A 243 29.51 22.82 5.57
N SER A 244 28.30 22.96 6.13
CA SER A 244 28.14 23.50 7.46
C SER A 244 28.38 22.41 8.49
N ASP A 245 28.08 22.70 9.76
CA ASP A 245 28.35 21.75 10.84
C ASP A 245 27.31 20.63 10.80
N ASP A 246 26.05 20.99 10.60
CA ASP A 246 24.96 20.02 10.63
C ASP A 246 24.93 19.20 9.35
N GLU A 247 25.35 19.80 8.23
CA GLU A 247 25.33 19.12 6.95
C GLU A 247 26.35 17.97 6.95
N ILE A 248 27.54 18.20 7.50
CA ILE A 248 28.57 17.17 7.53
C ILE A 248 28.11 16.00 8.41
N ALA A 249 27.39 16.29 9.50
CA ALA A 249 26.91 15.24 10.39
C ALA A 249 25.82 14.43 9.73
N GLY A 250 24.90 15.10 9.03
CA GLY A 250 23.83 14.42 8.31
C GLY A 250 24.39 13.47 7.25
N LEU A 251 25.43 13.92 6.54
CA LEU A 251 26.01 13.10 5.48
C LEU A 251 26.69 11.87 6.05
N LEU A 252 27.28 11.97 7.24
CA LEU A 252 28.02 10.85 7.81
C LEU A 252 27.06 9.88 8.49
N ILE A 253 26.08 10.41 9.20
CA ILE A 253 25.07 9.57 9.84
C ILE A 253 24.37 8.74 8.79
N GLY A 254 24.00 9.38 7.67
CA GLY A 254 23.24 8.71 6.61
C GLY A 254 24.06 7.65 5.88
N LEU A 255 25.38 7.84 5.83
CA LEU A 255 26.22 6.89 5.11
C LEU A 255 26.43 5.61 5.91
N LEU A 256 26.40 5.71 7.25
CA LEU A 256 26.48 4.51 8.08
C LEU A 256 25.15 3.76 8.06
N LEU A 257 24.03 4.46 7.91
CA LEU A 257 22.73 3.82 7.99
C LEU A 257 22.37 3.11 6.67
N ALA A 258 22.74 3.70 5.53
CA ALA A 258 22.47 3.10 4.24
C ALA A 258 23.30 1.83 4.02
N GLY A 259 24.34 1.63 4.84
CA GLY A 259 25.21 0.46 4.71
C GLY A 259 25.14 -0.50 5.91
N GLN A 260 24.30 -0.14 6.90
CA GLN A 260 24.20 -0.92 8.12
C GLN A 260 23.48 -2.25 7.85
N HIS A 261 22.16 -2.20 7.72
CA HIS A 261 21.35 -3.42 7.53
C HIS A 261 21.82 -4.16 6.28
N THR A 262 22.18 -3.40 5.26
CA THR A 262 22.59 -4.03 3.98
C THR A 262 23.78 -4.93 4.25
N SER A 263 24.84 -4.35 4.80
CA SER A 263 26.08 -5.14 5.04
C SER A 263 25.83 -6.21 6.09
N SER A 264 25.12 -5.85 7.17
CA SER A 264 24.91 -6.80 8.29
C SER A 264 24.16 -8.03 7.82
N THR A 265 23.05 -7.82 7.12
CA THR A 265 22.22 -8.96 6.70
C THR A 265 23.04 -9.87 5.78
N THR A 266 23.83 -9.27 4.90
CA THR A 266 24.58 -10.09 3.91
C THR A 266 25.65 -10.89 4.65
N SER A 267 26.37 -10.24 5.57
CA SER A 267 27.44 -10.94 6.31
C SER A 267 26.85 -12.17 6.97
N SER A 268 25.70 -11.99 7.62
CA SER A 268 25.09 -13.10 8.38
C SER A 268 24.69 -14.23 7.44
N TRP A 269 24.03 -13.90 6.34
CA TRP A 269 23.53 -14.95 5.43
C TRP A 269 24.69 -15.76 4.85
N MET A 270 25.79 -15.10 4.53
CA MET A 270 26.93 -15.81 3.94
C MET A 270 27.47 -16.80 4.96
N SER A 271 27.62 -16.40 6.22
CA SER A 271 28.02 -17.30 7.28
C SER A 271 27.08 -18.51 7.36
N PHE A 272 25.76 -18.26 7.48
CA PHE A 272 24.78 -19.35 7.52
C PHE A 272 24.94 -20.24 6.29
N PHE A 273 25.19 -19.66 5.13
CA PHE A 273 25.36 -20.48 3.93
C PHE A 273 26.63 -21.31 4.03
N LEU A 274 27.66 -20.78 4.71
CA LEU A 274 28.90 -21.51 4.87
C LEU A 274 28.85 -22.44 6.07
N ALA A 275 28.06 -22.08 7.09
CA ALA A 275 27.85 -22.98 8.22
C ALA A 275 27.00 -24.19 7.81
N ARG A 276 26.37 -24.13 6.64
CA ARG A 276 25.59 -25.25 6.12
C ARG A 276 26.48 -26.17 5.29
N ASP A 277 27.38 -25.57 4.50
CA ASP A 277 28.28 -26.31 3.61
C ASP A 277 29.70 -26.24 4.17
N LYS A 278 30.11 -27.27 4.91
CA LYS A 278 31.34 -27.21 5.66
C LYS A 278 32.54 -27.31 4.72
N GLN A 279 32.37 -28.01 3.60
CA GLN A 279 33.45 -28.12 2.62
C GLN A 279 33.87 -26.74 2.14
N LEU A 280 32.90 -25.90 1.76
CA LEU A 280 33.21 -24.56 1.28
C LEU A 280 33.83 -23.73 2.39
N GLN A 281 33.46 -24.01 3.64
CA GLN A 281 34.03 -23.29 4.76
C GLN A 281 35.49 -23.69 4.96
N GLU A 282 35.86 -24.90 4.52
CA GLU A 282 37.24 -25.36 4.61
C GLU A 282 38.03 -24.84 3.41
N ARG A 283 37.50 -25.04 2.21
CA ARG A 283 38.10 -24.48 1.01
C ARG A 283 38.38 -22.98 1.15
N CYS A 284 37.55 -22.25 1.90
CA CYS A 284 37.80 -20.85 2.14
C CYS A 284 39.03 -20.69 3.05
N LEU A 285 39.09 -21.45 4.15
CA LEU A 285 40.18 -21.31 5.09
C LEU A 285 41.50 -21.67 4.41
N ALA A 286 41.46 -22.69 3.53
CA ALA A 286 42.62 -23.03 2.73
C ALA A 286 43.10 -21.80 1.99
N GLU A 287 42.20 -21.19 1.20
CA GLU A 287 42.52 -20.00 0.43
C GLU A 287 43.15 -18.93 1.32
N GLN A 288 42.72 -18.81 2.57
CA GLN A 288 43.21 -17.77 3.45
C GLN A 288 44.69 -17.97 3.76
N LYS A 289 45.04 -19.11 4.37
CA LYS A 289 46.41 -19.41 4.75
C LYS A 289 47.30 -19.67 3.53
N ALA A 290 46.70 -19.93 2.35
CA ALA A 290 47.48 -20.13 1.14
C ALA A 290 47.83 -18.81 0.46
N VAL A 291 46.98 -17.81 0.61
CA VAL A 291 47.22 -16.52 -0.01
C VAL A 291 47.95 -15.60 0.96
N CYS A 292 47.77 -15.81 2.28
CA CYS A 292 48.33 -14.92 3.29
C CYS A 292 49.43 -15.57 4.12
N GLY A 293 49.49 -16.90 4.10
CA GLY A 293 50.47 -17.62 4.91
C GLY A 293 49.84 -18.28 6.13
N GLU A 294 50.51 -19.31 6.63
CA GLU A 294 49.92 -20.23 7.59
C GLU A 294 49.83 -19.60 8.98
N ASP A 295 50.63 -18.56 9.26
CA ASP A 295 50.56 -17.87 10.54
C ASP A 295 49.39 -16.89 10.55
N LEU A 296 48.67 -16.77 9.43
CA LEU A 296 47.58 -15.82 9.26
C LEU A 296 48.04 -14.44 9.70
N PRO A 297 48.93 -13.80 8.92
CA PRO A 297 49.34 -12.43 9.23
C PRO A 297 48.23 -11.44 8.93
N PRO A 298 48.27 -10.22 9.52
CA PRO A 298 47.23 -9.22 9.27
C PRO A 298 47.00 -9.00 7.77
N LEU A 299 45.77 -8.61 7.43
CA LEU A 299 45.36 -8.46 6.04
C LEU A 299 45.73 -7.07 5.52
N ASP A 300 45.66 -6.95 4.19
CA ASP A 300 45.75 -5.67 3.50
C ASP A 300 45.01 -5.77 2.17
N PHE A 301 44.67 -4.61 1.61
CA PHE A 301 43.83 -4.51 0.43
C PHE A 301 44.25 -5.49 -0.67
N ASP A 302 45.55 -5.62 -0.92
CA ASP A 302 46.02 -6.37 -2.08
C ASP A 302 45.59 -7.83 -2.02
N GLN A 303 45.79 -8.47 -0.87
CA GLN A 303 45.45 -9.88 -0.69
C GLN A 303 43.97 -10.12 -0.98
N LEU A 304 43.10 -9.18 -0.58
CA LEU A 304 41.66 -9.35 -0.77
C LEU A 304 41.31 -9.60 -2.24
N LYS A 305 42.05 -9.02 -3.17
CA LYS A 305 41.70 -9.12 -4.58
C LYS A 305 41.88 -10.55 -5.11
N GLU A 306 42.75 -11.35 -4.48
CA GLU A 306 42.99 -12.71 -4.96
C GLU A 306 42.22 -13.74 -4.13
N LEU A 307 41.51 -13.32 -3.08
CA LEU A 307 40.59 -14.20 -2.35
C LEU A 307 39.30 -14.37 -3.16
N SER A 308 39.38 -15.15 -4.23
CA SER A 308 38.33 -15.24 -5.23
C SER A 308 37.17 -16.11 -4.75
N LEU A 309 37.47 -17.19 -4.01
CA LEU A 309 36.40 -18.05 -3.51
C LEU A 309 35.50 -17.28 -2.56
N LEU A 310 36.10 -16.54 -1.62
CA LEU A 310 35.33 -15.67 -0.74
C LEU A 310 34.51 -14.69 -1.58
N ASP A 311 35.12 -14.12 -2.61
CA ASP A 311 34.44 -13.13 -3.44
C ASP A 311 33.22 -13.78 -4.11
N ARG A 312 33.36 -15.03 -4.53
CA ARG A 312 32.28 -15.71 -5.23
C ARG A 312 31.21 -16.22 -4.25
N CYS A 313 31.59 -16.44 -3.00
CA CYS A 313 30.61 -16.76 -1.98
C CYS A 313 29.78 -15.51 -1.65
N LEU A 314 30.44 -14.35 -1.58
CA LEU A 314 29.74 -13.10 -1.29
C LEU A 314 28.82 -12.75 -2.46
N LYS A 315 29.26 -12.98 -3.69
CA LYS A 315 28.43 -12.61 -4.83
C LYS A 315 27.22 -13.54 -4.90
N GLU A 316 27.38 -14.76 -4.38
CA GLU A 316 26.32 -15.76 -4.45
C GLU A 316 25.34 -15.51 -3.31
N THR A 317 25.86 -15.05 -2.16
CA THR A 317 25.01 -14.58 -1.09
C THR A 317 24.14 -13.42 -1.56
N LEU A 318 24.77 -12.40 -2.14
CA LEU A 318 24.04 -11.24 -2.63
C LEU A 318 23.06 -11.63 -3.74
N ARG A 319 23.29 -12.77 -4.38
CA ARG A 319 22.42 -13.22 -5.44
C ARG A 319 21.13 -13.80 -4.87
N LEU A 320 21.24 -14.58 -3.78
CA LEU A 320 20.09 -15.25 -3.19
C LEU A 320 19.44 -14.40 -2.10
N ARG A 321 20.22 -13.58 -1.39
CA ARG A 321 19.69 -12.77 -0.32
C ARG A 321 20.12 -11.30 -0.50
N PRO A 322 19.68 -10.63 -1.57
CA PRO A 322 19.95 -9.21 -1.72
C PRO A 322 19.20 -8.44 -0.64
N PRO A 323 19.88 -7.57 0.14
CA PRO A 323 19.22 -6.87 1.24
C PRO A 323 18.21 -5.82 0.78
N ILE A 324 18.45 -5.25 -0.40
CA ILE A 324 17.47 -4.39 -1.03
C ILE A 324 16.62 -5.28 -1.92
N MET A 325 15.38 -5.49 -1.52
CA MET A 325 14.50 -6.41 -2.23
C MET A 325 13.96 -5.78 -3.51
N THR A 326 13.69 -4.47 -3.48
CA THR A 326 13.07 -3.80 -4.60
C THR A 326 13.53 -2.34 -4.65
N MET A 327 13.93 -1.88 -5.85
CA MET A 327 14.14 -0.48 -6.14
C MET A 327 12.89 0.08 -6.81
N MET A 328 12.46 1.27 -6.37
CA MET A 328 11.18 1.83 -6.80
C MET A 328 11.37 3.26 -7.30
N ARG A 329 10.61 3.59 -8.36
CA ARG A 329 10.59 4.93 -8.93
C ARG A 329 9.15 5.27 -9.30
N MET A 330 8.85 6.57 -9.30
CA MET A 330 7.54 7.07 -9.68
C MET A 330 7.66 7.67 -11.07
N ALA A 331 6.77 7.27 -11.98
CA ALA A 331 6.82 7.68 -13.38
C ALA A 331 6.21 9.08 -13.51
N ARG A 332 7.06 10.05 -13.88
CA ARG A 332 6.60 11.42 -14.09
C ARG A 332 6.29 11.68 -15.57
N SER A 333 6.98 10.98 -16.49
CA SER A 333 6.67 11.03 -17.90
C SER A 333 6.43 9.61 -18.43
N PRO A 334 5.54 9.43 -19.42
CA PRO A 334 5.25 8.10 -19.94
C PRO A 334 6.50 7.43 -20.48
N GLN A 335 6.72 6.18 -20.05
CA GLN A 335 7.89 5.42 -20.43
C GLN A 335 7.47 4.24 -21.31
N CYS A 336 8.38 3.79 -22.18
CA CYS A 336 8.10 2.72 -23.13
C CYS A 336 9.00 1.53 -22.83
N VAL A 337 8.39 0.36 -22.62
CA VAL A 337 9.15 -0.85 -22.34
C VAL A 337 8.40 -2.07 -22.89
N ALA A 338 9.11 -2.91 -23.65
CA ALA A 338 8.58 -4.18 -24.14
C ALA A 338 7.29 -4.00 -24.93
N GLY A 339 7.19 -2.92 -25.70
CA GLY A 339 5.99 -2.65 -26.48
C GLY A 339 4.84 -2.12 -25.64
N TYR A 340 5.13 -1.66 -24.43
CA TYR A 340 4.10 -1.11 -23.55
C TYR A 340 4.51 0.31 -23.15
N THR A 341 3.51 1.11 -22.80
CA THR A 341 3.74 2.43 -22.25
C THR A 341 3.30 2.48 -20.78
N ILE A 342 4.25 2.78 -19.88
CA ILE A 342 3.94 2.91 -18.47
C ILE A 342 3.47 4.34 -18.24
N PRO A 343 2.21 4.54 -17.80
CA PRO A 343 1.67 5.88 -17.66
C PRO A 343 2.27 6.64 -16.50
N VAL A 344 2.01 7.95 -16.48
CA VAL A 344 2.41 8.80 -15.37
C VAL A 344 1.67 8.35 -14.11
N GLY A 345 2.44 8.17 -13.03
CA GLY A 345 1.85 7.88 -11.73
C GLY A 345 2.00 6.43 -11.30
N HIS A 346 2.52 5.56 -12.17
CA HIS A 346 2.85 4.20 -11.76
C HIS A 346 4.12 4.20 -10.91
N GLN A 347 4.16 3.32 -9.92
CA GLN A 347 5.35 3.11 -9.14
C GLN A 347 6.12 1.97 -9.78
N VAL A 348 7.14 2.32 -10.56
CA VAL A 348 7.89 1.33 -11.33
C VAL A 348 8.90 0.65 -10.41
N CYS A 349 8.98 -0.68 -10.48
CA CYS A 349 9.72 -1.45 -9.51
C CYS A 349 10.60 -2.47 -10.24
N VAL A 350 11.82 -2.62 -9.75
CA VAL A 350 12.71 -3.69 -10.17
C VAL A 350 13.05 -4.50 -8.92
N SER A 351 13.11 -5.82 -9.06
CA SER A 351 13.40 -6.69 -7.95
C SER A 351 14.70 -7.44 -8.25
N PRO A 352 15.84 -7.03 -7.64
CA PRO A 352 17.06 -7.81 -7.75
C PRO A 352 16.86 -9.27 -7.35
N THR A 353 16.08 -9.50 -6.29
CA THR A 353 15.79 -10.87 -5.85
C THR A 353 15.24 -11.72 -7.00
N VAL A 354 14.21 -11.21 -7.68
CA VAL A 354 13.58 -11.95 -8.76
C VAL A 354 14.56 -12.15 -9.92
N ASN A 355 15.15 -11.07 -10.44
CA ASN A 355 16.04 -11.16 -11.59
C ASN A 355 17.20 -12.12 -11.32
N GLN A 356 17.66 -12.21 -10.06
CA GLN A 356 18.79 -13.06 -9.69
C GLN A 356 18.34 -14.49 -9.38
N ARG A 357 17.09 -14.82 -9.72
CA ARG A 357 16.51 -16.12 -9.39
C ARG A 357 15.72 -16.67 -10.59
N LEU A 358 15.50 -15.84 -11.63
CA LEU A 358 14.61 -16.19 -12.73
C LEU A 358 15.07 -17.51 -13.33
N PRO A 359 14.16 -18.52 -13.46
CA PRO A 359 14.58 -19.83 -13.92
C PRO A 359 15.15 -19.84 -15.33
N ASP A 360 14.68 -18.93 -16.20
CA ASP A 360 15.14 -18.87 -17.58
C ASP A 360 16.45 -18.09 -17.71
N SER A 361 17.15 -17.84 -16.59
CA SER A 361 18.40 -17.07 -16.61
C SER A 361 19.44 -17.65 -15.66
N TRP A 362 19.06 -18.58 -14.77
CA TRP A 362 19.96 -19.08 -13.76
C TRP A 362 19.79 -20.59 -13.66
N THR A 363 20.93 -21.28 -13.63
CA THR A 363 20.94 -22.72 -13.48
C THR A 363 21.05 -23.03 -12.00
N GLU A 364 20.26 -24.01 -11.54
CA GLU A 364 20.24 -24.41 -10.14
C GLU A 364 19.92 -23.19 -9.29
N ARG A 365 18.79 -22.55 -9.60
CA ARG A 365 18.55 -21.18 -9.16
C ARG A 365 18.58 -21.07 -7.65
N ASP A 366 18.10 -22.08 -6.91
CA ASP A 366 17.94 -21.92 -5.46
C ASP A 366 19.11 -22.52 -4.68
N GLU A 367 20.12 -23.05 -5.38
CA GLU A 367 21.29 -23.59 -4.70
C GLU A 367 22.39 -22.54 -4.54
N PHE A 368 22.97 -22.50 -3.33
CA PHE A 368 24.09 -21.63 -3.02
C PHE A 368 25.37 -22.23 -3.62
N ASN A 369 25.60 -21.93 -4.90
CA ASN A 369 26.71 -22.49 -5.65
C ASN A 369 27.66 -21.39 -6.09
N PRO A 370 28.73 -21.08 -5.31
CA PRO A 370 29.68 -20.03 -5.69
C PRO A 370 30.45 -20.30 -6.98
N ASP A 371 30.61 -21.58 -7.33
CA ASP A 371 31.43 -21.95 -8.49
C ASP A 371 30.67 -21.74 -9.81
N ARG A 372 29.50 -21.12 -9.78
CA ARG A 372 28.77 -20.86 -11.02
C ARG A 372 29.42 -19.71 -11.78
N TYR A 373 30.25 -18.90 -11.09
CA TYR A 373 30.91 -17.77 -11.74
C TYR A 373 32.22 -18.21 -12.44
N LEU A 374 32.64 -19.46 -12.26
CA LEU A 374 33.81 -19.98 -12.95
C LEU A 374 33.45 -20.32 -14.40
N THR A 375 32.19 -20.70 -14.64
CA THR A 375 31.71 -20.95 -15.98
C THR A 375 30.87 -19.75 -16.43
N ASP A 376 30.08 -19.93 -17.49
CA ASP A 376 29.16 -18.89 -17.92
C ASP A 376 28.06 -18.71 -16.88
N ASN A 377 27.55 -17.47 -16.82
CA ASN A 377 26.52 -17.10 -15.86
C ASN A 377 25.91 -15.78 -16.30
N ALA A 378 24.75 -15.44 -15.71
CA ALA A 378 24.04 -14.23 -16.04
C ALA A 378 24.69 -13.00 -15.41
N ALA A 379 25.54 -13.18 -14.39
CA ALA A 379 26.21 -12.05 -13.76
C ALA A 379 27.10 -11.29 -14.75
N THR A 380 27.67 -11.98 -15.73
CA THR A 380 28.51 -11.35 -16.75
C THR A 380 27.87 -11.43 -18.14
N GLY A 381 27.19 -12.55 -18.43
CA GLY A 381 26.56 -12.74 -19.73
C GLY A 381 25.31 -11.89 -19.94
N GLU A 382 24.75 -11.30 -18.87
CA GLU A 382 23.60 -10.41 -18.98
C GLU A 382 23.92 -9.09 -18.30
N LYS A 383 23.15 -8.07 -18.66
CA LYS A 383 23.39 -6.71 -18.19
C LYS A 383 22.74 -6.47 -16.84
N PHE A 384 21.45 -6.80 -16.71
CA PHE A 384 20.67 -6.42 -15.53
C PHE A 384 19.96 -7.62 -14.91
N ALA A 385 20.65 -8.76 -14.88
CA ALA A 385 20.13 -9.96 -14.25
C ALA A 385 20.75 -10.17 -12.85
N TYR A 386 21.88 -9.52 -12.58
CA TYR A 386 22.52 -9.55 -11.28
C TYR A 386 22.77 -8.09 -10.85
N VAL A 387 21.87 -7.57 -10.00
CA VAL A 387 21.90 -6.15 -9.63
C VAL A 387 21.70 -5.96 -8.13
N PRO A 388 22.50 -6.61 -7.25
CA PRO A 388 22.33 -6.39 -5.82
C PRO A 388 22.57 -4.94 -5.42
N PHE A 389 23.58 -4.29 -6.00
CA PHE A 389 23.93 -2.92 -5.64
C PHE A 389 23.29 -1.93 -6.61
N GLY A 390 22.36 -2.40 -7.44
CA GLY A 390 21.82 -1.59 -8.51
C GLY A 390 22.67 -1.76 -9.76
N ALA A 391 22.52 -0.81 -10.69
CA ALA A 391 23.18 -0.88 -11.98
C ALA A 391 23.01 0.44 -12.73
N GLY A 392 23.88 0.64 -13.72
CA GLY A 392 23.82 1.80 -14.57
C GLY A 392 23.88 3.09 -13.77
N ARG A 393 22.89 3.95 -14.00
CA ARG A 393 22.91 5.30 -13.44
C ARG A 393 22.52 5.30 -11.97
N HIS A 394 21.95 4.19 -11.49
CA HIS A 394 21.48 4.11 -10.11
C HIS A 394 22.20 2.96 -9.44
N ARG A 395 23.24 3.27 -8.68
CA ARG A 395 24.14 2.26 -8.14
C ARG A 395 24.61 2.66 -6.76
N CYS A 396 24.89 1.68 -5.92
CA CYS A 396 25.39 1.92 -4.58
C CYS A 396 26.80 2.51 -4.66
N ILE A 397 26.99 3.66 -3.99
CA ILE A 397 28.32 4.25 -3.92
C ILE A 397 29.17 3.58 -2.85
N GLY A 398 28.53 2.91 -1.89
CA GLY A 398 29.22 2.12 -0.88
C GLY A 398 29.68 0.73 -1.34
N GLU A 399 29.46 0.37 -2.60
CA GLU A 399 29.79 -0.96 -3.06
C GLU A 399 31.26 -1.30 -2.81
N GLY A 400 32.16 -0.36 -3.08
CA GLY A 400 33.58 -0.59 -2.89
C GLY A 400 33.93 -0.79 -1.41
N PHE A 401 33.36 0.06 -0.56
CA PHE A 401 33.53 -0.09 0.88
C PHE A 401 32.88 -1.38 1.36
N ALA A 402 31.75 -1.76 0.75
CA ALA A 402 31.03 -2.96 1.14
C ALA A 402 31.91 -4.20 0.94
N TYR A 403 32.42 -4.42 -0.27
CA TYR A 403 33.25 -5.57 -0.53
C TYR A 403 34.46 -5.58 0.42
N VAL A 404 35.07 -4.43 0.65
CA VAL A 404 36.23 -4.36 1.51
C VAL A 404 35.82 -4.76 2.92
N GLN A 405 34.80 -4.08 3.46
CA GLN A 405 34.34 -4.34 4.81
C GLN A 405 33.94 -5.81 4.99
N LEU A 406 33.12 -6.33 4.06
CA LEU A 406 32.57 -7.67 4.22
C LEU A 406 33.68 -8.73 4.14
N LYS A 407 34.56 -8.63 3.14
CA LYS A 407 35.60 -9.64 2.96
C LYS A 407 36.59 -9.63 4.12
N THR A 408 36.93 -8.45 4.62
CA THR A 408 37.84 -8.36 5.75
C THR A 408 37.21 -9.00 6.98
N ILE A 409 35.92 -8.73 7.21
CA ILE A 409 35.23 -9.24 8.39
C ILE A 409 35.12 -10.76 8.31
N LEU A 410 34.63 -11.27 7.19
CA LEU A 410 34.42 -12.69 7.05
C LEU A 410 35.75 -13.44 7.17
N SER A 411 36.82 -12.89 6.57
CA SER A 411 38.13 -13.51 6.66
C SER A 411 38.56 -13.58 8.13
N THR A 412 38.47 -12.46 8.83
CA THR A 412 38.80 -12.41 10.23
C THR A 412 37.95 -13.40 11.04
N LEU A 413 36.77 -13.77 10.54
CA LEU A 413 35.91 -14.72 11.23
C LEU A 413 36.35 -16.14 10.89
N ILE A 414 36.44 -16.45 9.61
CA ILE A 414 36.75 -17.80 9.17
C ILE A 414 38.13 -18.22 9.69
N ARG A 415 39.01 -17.25 9.96
CA ARG A 415 40.30 -17.55 10.53
C ARG A 415 40.16 -17.97 12.00
N LYS A 416 39.54 -17.10 12.80
CA LYS A 416 39.49 -17.27 14.24
C LYS A 416 38.37 -18.19 14.71
N PHE A 417 37.50 -18.67 13.80
CA PHE A 417 36.37 -19.50 14.21
C PHE A 417 35.96 -20.43 13.09
N GLU A 418 35.24 -21.50 13.46
CA GLU A 418 34.45 -22.29 12.53
C GLU A 418 32.98 -22.20 12.93
N PHE A 419 32.10 -22.34 11.93
CA PHE A 419 30.68 -22.07 12.12
C PHE A 419 29.85 -23.27 11.70
N ASP A 420 28.78 -23.52 12.48
CA ASP A 420 27.87 -24.60 12.17
C ASP A 420 26.47 -24.27 12.69
N LEU A 421 25.46 -24.95 12.10
CA LEU A 421 24.08 -24.72 12.43
C LEU A 421 23.71 -25.44 13.73
N VAL A 422 22.95 -24.73 14.59
CA VAL A 422 22.50 -25.27 15.87
C VAL A 422 21.33 -26.21 15.60
N ASP A 423 21.53 -27.50 15.93
CA ASP A 423 20.54 -28.55 15.73
C ASP A 423 20.08 -28.64 14.27
N GLY A 424 20.88 -28.13 13.34
CA GLY A 424 20.51 -28.12 11.94
C GLY A 424 19.52 -27.01 11.55
N TYR A 425 19.30 -26.03 12.44
CA TYR A 425 18.37 -24.95 12.13
C TYR A 425 18.98 -24.00 11.10
N PHE A 426 18.36 -23.92 9.93
CA PHE A 426 18.70 -22.94 8.92
C PHE A 426 17.58 -21.91 8.83
N PRO A 427 17.84 -20.62 9.13
CA PRO A 427 16.77 -19.64 9.24
C PRO A 427 16.10 -19.32 7.91
N THR A 428 14.78 -19.15 7.96
CA THR A 428 13.97 -18.90 6.78
C THR A 428 13.25 -17.57 6.94
N ILE A 429 13.06 -16.88 5.83
CA ILE A 429 12.40 -15.58 5.84
C ILE A 429 10.91 -15.80 5.82
N ASN A 430 10.20 -15.12 6.74
CA ASN A 430 8.76 -15.23 6.84
C ASN A 430 8.15 -13.85 6.56
N PHE A 431 7.24 -13.79 5.56
CA PHE A 431 6.52 -12.58 5.22
C PHE A 431 5.15 -12.50 5.89
N THR A 432 4.70 -13.60 6.51
CA THR A 432 3.37 -13.69 7.07
C THR A 432 3.35 -13.32 8.55
N THR A 433 4.52 -13.33 9.20
CA THR A 433 4.62 -13.01 10.62
C THR A 433 4.92 -11.53 10.80
N MET A 434 3.87 -10.74 11.06
CA MET A 434 4.03 -9.26 11.15
C MET A 434 5.13 -8.90 12.15
N ILE A 435 5.10 -9.51 13.34
CA ILE A 435 6.09 -9.16 14.40
C ILE A 435 6.49 -10.45 15.12
N HIS A 436 5.81 -11.56 14.84
CA HIS A 436 6.11 -12.82 15.50
C HIS A 436 7.09 -13.75 14.79
N THR A 437 8.40 -13.47 14.94
CA THR A 437 9.44 -14.24 14.30
C THR A 437 9.54 -15.65 14.91
N PRO A 438 9.85 -16.68 14.08
CA PRO A 438 9.98 -18.06 14.55
C PRO A 438 11.30 -18.43 15.25
N ASN A 439 11.38 -18.12 16.54
CA ASN A 439 12.36 -18.66 17.48
C ASN A 439 13.77 -18.11 17.26
N ASN A 440 13.93 -17.01 16.50
CA ASN A 440 15.19 -16.31 16.37
C ASN A 440 16.25 -17.15 15.66
N PRO A 441 17.19 -16.52 14.92
CA PRO A 441 18.31 -17.25 14.30
C PRO A 441 19.59 -17.24 15.14
N VAL A 442 20.09 -18.45 15.45
CA VAL A 442 21.29 -18.61 16.27
C VAL A 442 22.29 -19.46 15.50
N ILE A 443 23.59 -19.17 15.72
CA ILE A 443 24.66 -19.92 15.08
C ILE A 443 25.63 -20.43 16.14
N ARG A 444 26.34 -21.52 15.79
CA ARG A 444 27.32 -22.15 16.66
C ARG A 444 28.73 -21.80 16.22
N TYR A 445 29.58 -21.41 17.20
CA TYR A 445 30.96 -21.06 16.91
C TYR A 445 31.94 -21.85 17.79
N ARG A 446 33.12 -22.11 17.24
CA ARG A 446 34.20 -22.83 17.97
C ARG A 446 35.54 -22.32 17.44
N SER A 447 36.50 -22.05 18.33
CA SER A 447 37.82 -21.50 17.89
C SER A 447 38.53 -22.47 16.95
N ARG A 448 39.52 -21.99 16.19
CA ARG A 448 40.18 -22.85 15.17
C ARG A 448 41.43 -23.52 15.74
N THR A 449 42.12 -24.32 14.92
CA THR A 449 43.34 -25.06 15.37
C THR A 449 42.99 -25.89 16.62
N THR B 5 3.03 17.68 18.20
CA THR B 5 4.30 17.00 18.57
C THR B 5 3.99 15.64 19.18
N LYS B 6 2.81 15.47 19.75
CA LYS B 6 2.40 14.15 20.31
C LYS B 6 1.77 13.33 19.19
N CYS B 7 2.60 12.63 18.42
CA CYS B 7 2.09 11.76 17.34
C CYS B 7 1.29 10.62 17.96
N PRO B 8 0.26 10.09 17.27
CA PRO B 8 -0.58 9.03 17.82
C PRO B 8 0.18 7.72 17.98
N PRO B 9 -0.34 6.75 18.75
CA PRO B 9 0.27 5.43 18.84
C PRO B 9 0.48 4.83 17.45
N TYR B 10 1.61 4.14 17.26
CA TYR B 10 1.96 3.54 15.98
C TYR B 10 2.34 2.07 16.16
N ILE B 11 1.60 1.19 15.48
CA ILE B 11 1.85 -0.24 15.55
C ILE B 11 3.08 -0.59 14.71
N PRO B 12 4.15 -1.12 15.32
CA PRO B 12 5.37 -1.41 14.57
C PRO B 12 5.26 -2.69 13.77
N SER B 13 6.22 -2.89 12.87
CA SER B 13 6.20 -4.03 11.97
C SER B 13 7.63 -4.46 11.69
N ARG B 14 7.83 -5.77 11.53
CA ARG B 14 9.15 -6.30 11.19
C ARG B 14 9.32 -6.47 9.67
N ILE B 15 8.24 -6.29 8.90
CA ILE B 15 8.31 -6.31 7.45
C ILE B 15 8.52 -4.89 6.96
N PRO B 16 9.69 -4.54 6.37
CA PRO B 16 10.04 -3.16 6.07
C PRO B 16 9.06 -2.30 5.27
N PHE B 17 8.73 -2.66 4.03
CA PHE B 17 7.96 -1.72 3.22
C PHE B 17 6.49 -2.06 3.29
N LEU B 18 6.16 -3.35 3.21
CA LEU B 18 4.77 -3.78 3.15
C LEU B 18 4.02 -3.55 4.47
N GLY B 19 4.75 -3.53 5.59
CA GLY B 19 4.14 -3.29 6.88
C GLY B 19 3.05 -4.30 7.18
N HIS B 20 1.84 -3.81 7.44
CA HIS B 20 0.73 -4.63 7.88
C HIS B 20 -0.20 -5.00 6.72
N ALA B 21 0.32 -5.00 5.48
CA ALA B 21 -0.50 -5.32 4.32
C ALA B 21 -1.22 -6.65 4.49
N VAL B 22 -0.50 -7.69 4.91
CA VAL B 22 -1.11 -8.99 5.07
C VAL B 22 -2.07 -8.97 6.25
N ALA B 23 -1.57 -8.57 7.42
CA ALA B 23 -2.36 -8.62 8.64
C ALA B 23 -3.63 -7.79 8.53
N PHE B 24 -3.49 -6.54 8.04
CA PHE B 24 -4.66 -5.71 7.79
C PHE B 24 -5.52 -6.28 6.67
N GLY B 25 -4.91 -6.58 5.52
CA GLY B 25 -5.66 -7.02 4.35
C GLY B 25 -6.37 -8.36 4.54
N LYS B 26 -5.95 -9.18 5.52
CA LYS B 26 -6.61 -10.45 5.78
C LYS B 26 -7.98 -10.25 6.38
N ASN B 27 -8.10 -9.24 7.26
CA ASN B 27 -9.37 -8.91 7.90
C ASN B 27 -9.27 -7.49 8.45
N PRO B 28 -9.56 -6.47 7.61
CA PRO B 28 -9.41 -5.09 8.06
C PRO B 28 -10.22 -4.76 9.32
N ILE B 29 -11.41 -5.36 9.43
CA ILE B 29 -12.30 -5.01 10.51
C ILE B 29 -11.74 -5.58 11.82
N GLU B 30 -11.37 -6.86 11.81
CA GLU B 30 -10.79 -7.49 12.98
C GLU B 30 -9.49 -6.79 13.40
N PHE B 31 -8.65 -6.43 12.42
CA PHE B 31 -7.43 -5.71 12.72
C PHE B 31 -7.75 -4.41 13.46
N LEU B 32 -8.79 -3.71 13.02
CA LEU B 32 -9.07 -2.38 13.55
C LEU B 32 -9.79 -2.50 14.90
N GLU B 33 -10.67 -3.49 15.04
CA GLU B 33 -11.26 -3.74 16.35
C GLU B 33 -10.17 -3.93 17.41
N LYS B 34 -9.21 -4.84 17.15
CA LYS B 34 -8.15 -5.13 18.10
C LYS B 34 -7.31 -3.88 18.38
N ALA B 35 -7.07 -3.07 17.36
CA ALA B 35 -6.24 -1.88 17.53
C ALA B 35 -6.93 -0.87 18.45
N TYR B 36 -8.26 -0.78 18.37
CA TYR B 36 -9.00 0.10 19.24
C TYR B 36 -8.82 -0.32 20.69
N GLU B 37 -8.96 -1.64 20.95
CA GLU B 37 -8.75 -2.21 22.27
C GLU B 37 -7.34 -1.90 22.77
N LYS B 38 -6.30 -2.24 21.98
CA LYS B 38 -4.93 -2.17 22.44
C LYS B 38 -4.42 -0.73 22.46
N TYR B 39 -4.81 0.11 21.50
CA TYR B 39 -4.12 1.38 21.31
C TYR B 39 -5.01 2.61 21.50
N GLY B 40 -6.33 2.42 21.54
CA GLY B 40 -7.22 3.54 21.75
C GLY B 40 -7.89 4.03 20.47
N PRO B 41 -8.45 5.26 20.48
CA PRO B 41 -9.29 5.72 19.38
C PRO B 41 -8.56 6.34 18.18
N VAL B 42 -7.23 6.48 18.27
CA VAL B 42 -6.45 7.00 17.16
C VAL B 42 -5.13 6.23 17.11
N VAL B 43 -4.98 5.37 16.10
CA VAL B 43 -3.78 4.55 15.95
C VAL B 43 -3.21 4.77 14.56
N SER B 44 -1.90 4.52 14.42
CA SER B 44 -1.18 4.61 13.16
C SER B 44 -0.51 3.28 12.84
N PHE B 45 -0.36 2.99 11.55
CA PHE B 45 0.36 1.81 11.13
C PHE B 45 0.81 1.95 9.68
N THR B 46 1.75 1.09 9.30
CA THR B 46 2.36 1.10 7.98
C THR B 46 1.72 0.06 7.07
N MET B 47 1.41 0.49 5.84
CA MET B 47 0.97 -0.39 4.76
C MET B 47 1.48 0.13 3.42
N VAL B 48 2.37 -0.65 2.78
CA VAL B 48 2.81 -0.48 1.40
C VAL B 48 3.12 0.97 1.05
N GLY B 49 3.97 1.61 1.87
CA GLY B 49 4.51 2.92 1.57
C GLY B 49 3.84 4.09 2.30
N LYS B 50 2.56 3.96 2.66
CA LYS B 50 1.82 5.06 3.26
C LYS B 50 1.58 4.79 4.74
N THR B 51 1.70 5.83 5.55
CA THR B 51 1.26 5.73 6.93
C THR B 51 -0.22 6.05 7.01
N PHE B 52 -0.98 5.14 7.63
CA PHE B 52 -2.41 5.30 7.81
C PHE B 52 -2.71 5.58 9.28
N THR B 53 -3.59 6.55 9.52
CA THR B 53 -4.05 6.88 10.86
C THR B 53 -5.57 6.78 10.89
N PHE B 54 -6.06 5.78 11.62
CA PHE B 54 -7.49 5.53 11.69
C PHE B 54 -8.06 6.23 12.90
N LEU B 55 -9.21 6.89 12.70
CA LEU B 55 -9.98 7.49 13.77
C LEU B 55 -11.13 6.54 14.12
N LEU B 56 -11.03 5.89 15.29
CA LEU B 56 -11.97 4.87 15.69
C LEU B 56 -12.92 5.41 16.75
N GLY B 57 -14.21 5.09 16.60
CA GLY B 57 -15.24 5.61 17.47
C GLY B 57 -15.75 6.98 17.03
N SER B 58 -16.86 7.41 17.64
CA SER B 58 -17.51 8.66 17.29
C SER B 58 -16.62 9.87 17.56
N ASP B 59 -15.98 9.89 18.74
CA ASP B 59 -15.21 11.05 19.17
C ASP B 59 -14.02 11.28 18.26
N ALA B 60 -13.42 10.19 17.75
CA ALA B 60 -12.26 10.33 16.88
C ALA B 60 -12.72 10.76 15.48
N ALA B 61 -13.78 10.10 14.97
CA ALA B 61 -14.25 10.35 13.62
C ALA B 61 -14.66 11.80 13.40
N ALA B 62 -14.93 12.53 14.49
CA ALA B 62 -15.39 13.91 14.40
C ALA B 62 -14.39 14.77 13.62
N LEU B 63 -13.10 14.49 13.74
CA LEU B 63 -12.11 15.32 13.07
C LEU B 63 -12.38 15.36 11.56
N MET B 64 -12.62 14.20 10.94
CA MET B 64 -12.76 14.14 9.50
C MET B 64 -14.13 14.65 9.06
N PHE B 65 -15.17 14.33 9.83
CA PHE B 65 -16.52 14.73 9.45
C PHE B 65 -16.70 16.25 9.56
N ASN B 66 -15.91 16.89 10.42
CA ASN B 66 -15.99 18.32 10.61
C ASN B 66 -14.80 19.03 9.96
N SER B 67 -14.22 18.44 8.91
CA SER B 67 -13.01 18.96 8.29
C SER B 67 -13.33 19.70 6.99
N LYS B 68 -12.38 20.52 6.54
CA LYS B 68 -12.44 21.19 5.25
C LYS B 68 -11.29 20.68 4.39
N ASN B 69 -11.50 20.71 3.07
CA ASN B 69 -10.63 20.00 2.15
C ASN B 69 -9.18 20.49 2.19
N GLU B 70 -8.92 21.70 2.67
CA GLU B 70 -7.55 22.19 2.69
C GLU B 70 -6.80 21.65 3.91
N ASP B 71 -7.51 21.10 4.89
CA ASP B 71 -6.88 20.50 6.05
C ASP B 71 -6.71 18.99 5.83
N LEU B 72 -7.83 18.31 5.52
CA LEU B 72 -7.84 16.90 5.18
C LEU B 72 -8.32 16.75 3.74
N SER B 73 -7.41 16.34 2.86
CA SER B 73 -7.54 16.53 1.42
C SER B 73 -8.09 15.28 0.75
N ALA B 74 -9.20 15.45 0.02
CA ALA B 74 -9.80 14.39 -0.79
C ALA B 74 -9.18 14.35 -2.18
N GLU B 75 -8.94 15.52 -2.78
CA GLU B 75 -8.37 15.60 -4.12
C GLU B 75 -6.98 14.98 -4.18
N ASP B 76 -6.40 14.60 -3.02
CA ASP B 76 -5.06 14.05 -2.98
C ASP B 76 -5.07 12.52 -2.93
N VAL B 77 -6.26 11.91 -2.84
CA VAL B 77 -6.37 10.46 -2.78
C VAL B 77 -7.47 9.94 -3.70
N TYR B 78 -8.48 10.78 -3.97
CA TYR B 78 -9.65 10.34 -4.74
C TYR B 78 -9.63 10.86 -6.17
N SER B 79 -8.48 11.41 -6.58
CA SER B 79 -8.28 11.81 -8.00
C SER B 79 -7.07 11.04 -8.51
N LYS B 80 -6.41 10.30 -7.60
CA LYS B 80 -5.19 9.52 -7.97
C LYS B 80 -5.56 8.06 -8.19
N PHE B 86 -14.74 9.04 -14.54
CA PHE B 86 -15.80 10.00 -14.77
C PHE B 86 -15.46 10.93 -15.93
N GLY B 87 -14.19 11.34 -16.03
CA GLY B 87 -13.73 12.20 -17.11
C GLY B 87 -13.05 13.45 -16.57
N LYS B 88 -12.58 14.28 -17.52
CA LYS B 88 -11.97 15.55 -17.19
C LYS B 88 -13.05 16.60 -16.93
N GLY B 89 -12.71 17.60 -16.11
CA GLY B 89 -13.63 18.69 -15.80
C GLY B 89 -14.84 18.24 -14.99
N VAL B 90 -14.73 17.12 -14.27
CA VAL B 90 -15.83 16.57 -13.50
C VAL B 90 -15.25 15.72 -12.38
N ALA B 91 -15.92 15.72 -11.22
CA ALA B 91 -15.50 14.99 -10.03
C ALA B 91 -14.21 15.59 -9.47
N TYR B 92 -13.33 14.72 -8.93
CA TYR B 92 -12.17 15.14 -8.16
C TYR B 92 -11.01 15.58 -9.06
N ASP B 93 -11.31 16.20 -10.21
CA ASP B 93 -10.27 16.66 -11.12
C ASP B 93 -10.27 18.18 -11.26
N VAL B 94 -11.10 18.88 -10.48
CA VAL B 94 -11.19 20.33 -10.55
C VAL B 94 -11.13 20.90 -9.15
N PRO B 95 -10.76 22.19 -8.98
CA PRO B 95 -10.78 22.82 -7.66
C PRO B 95 -12.15 22.74 -7.00
N ASN B 96 -12.14 22.60 -5.68
CA ASN B 96 -13.36 22.41 -4.90
C ASN B 96 -14.36 23.56 -5.15
N PRO B 97 -13.94 24.84 -5.30
CA PRO B 97 -14.87 25.89 -5.73
C PRO B 97 -15.70 25.58 -6.99
N ILE B 98 -15.23 24.78 -7.96
CA ILE B 98 -16.04 24.48 -9.16
C ILE B 98 -16.76 23.13 -9.02
N PHE B 99 -16.15 22.16 -8.32
CA PHE B 99 -16.79 20.87 -8.09
C PHE B 99 -18.14 21.10 -7.41
N LEU B 100 -18.21 22.10 -6.51
CA LEU B 100 -19.44 22.45 -5.80
C LEU B 100 -20.54 22.74 -6.82
N GLU B 101 -20.31 23.71 -7.71
CA GLU B 101 -21.24 24.01 -8.79
C GLU B 101 -21.74 22.72 -9.41
N GLN B 102 -20.81 21.90 -9.93
CA GLN B 102 -21.21 20.67 -10.59
C GLN B 102 -22.10 19.82 -9.68
N LYS B 103 -21.75 19.74 -8.37
CA LYS B 103 -22.42 18.86 -7.40
C LYS B 103 -23.78 19.43 -6.99
N LYS B 104 -23.86 20.74 -6.76
CA LYS B 104 -25.11 21.34 -6.30
C LYS B 104 -26.10 21.44 -7.45
N MET B 105 -25.64 21.30 -8.69
CA MET B 105 -26.55 21.09 -9.80
C MET B 105 -27.19 19.72 -9.66
N LEU B 106 -26.42 18.74 -9.18
CA LEU B 106 -26.91 17.39 -8.98
C LEU B 106 -27.84 17.33 -7.76
N LYS B 107 -27.46 18.00 -6.67
CA LYS B 107 -28.20 17.89 -5.42
C LYS B 107 -29.56 18.59 -5.53
N THR B 108 -29.62 19.66 -6.34
CA THR B 108 -30.89 20.33 -6.60
C THR B 108 -31.83 19.42 -7.38
N GLY B 109 -31.30 18.75 -8.42
CA GLY B 109 -32.08 17.80 -9.20
C GLY B 109 -32.44 16.51 -8.47
N LEU B 110 -31.83 16.26 -7.29
CA LEU B 110 -32.17 15.11 -6.47
C LEU B 110 -33.07 15.54 -5.30
N ASN B 111 -34.29 15.93 -5.63
CA ASN B 111 -35.21 16.53 -4.67
C ASN B 111 -36.46 15.66 -4.57
N ILE B 112 -37.37 16.08 -3.68
CA ILE B 112 -38.56 15.30 -3.38
C ILE B 112 -39.50 15.31 -4.59
N ALA B 113 -39.61 16.45 -5.27
CA ALA B 113 -40.46 16.55 -6.44
C ALA B 113 -40.02 15.54 -7.50
N GLN B 114 -38.70 15.28 -7.59
CA GLN B 114 -38.20 14.27 -8.51
C GLN B 114 -38.42 12.87 -7.94
N PHE B 115 -38.20 12.71 -6.63
CA PHE B 115 -38.37 11.42 -5.98
C PHE B 115 -39.82 10.96 -6.06
N LYS B 116 -40.76 11.92 -6.08
CA LYS B 116 -42.16 11.58 -6.25
C LYS B 116 -42.40 10.98 -7.63
N LYS B 117 -41.76 11.55 -8.65
CA LYS B 117 -41.87 11.03 -10.00
C LYS B 117 -41.10 9.72 -10.15
N HIS B 118 -40.02 9.56 -9.37
CA HIS B 118 -39.14 8.40 -9.53
C HIS B 118 -39.84 7.10 -9.13
N VAL B 119 -40.60 7.13 -8.04
CA VAL B 119 -41.12 5.91 -7.42
C VAL B 119 -41.93 5.08 -8.42
N PRO B 120 -42.84 5.66 -9.24
CA PRO B 120 -43.52 4.87 -10.27
C PRO B 120 -42.57 4.16 -11.24
N ILE B 121 -41.57 4.88 -11.75
CA ILE B 121 -40.67 4.34 -12.76
C ILE B 121 -39.88 3.18 -12.18
N ILE B 122 -39.50 3.27 -10.91
CA ILE B 122 -38.69 2.25 -10.28
C ILE B 122 -39.51 0.97 -10.16
N GLU B 123 -40.79 1.09 -9.82
CA GLU B 123 -41.63 -0.08 -9.64
C GLU B 123 -41.99 -0.69 -11.00
N GLN B 124 -42.22 0.16 -12.01
CA GLN B 124 -42.50 -0.33 -13.35
C GLN B 124 -41.31 -1.14 -13.87
N GLU B 125 -40.11 -0.57 -13.76
CA GLU B 125 -38.92 -1.24 -14.27
C GLU B 125 -38.54 -2.45 -13.40
N THR B 126 -38.95 -2.44 -12.13
CA THR B 126 -38.72 -3.59 -11.28
C THR B 126 -39.68 -4.73 -11.64
N GLU B 127 -40.89 -4.39 -12.08
CA GLU B 127 -41.89 -5.42 -12.36
C GLU B 127 -41.58 -6.14 -13.67
N GLU B 128 -41.10 -5.41 -14.69
CA GLU B 128 -40.76 -6.03 -15.96
C GLU B 128 -39.46 -6.85 -15.83
N TYR B 129 -38.55 -6.43 -14.94
CA TYR B 129 -37.30 -7.16 -14.77
C TYR B 129 -37.54 -8.49 -14.05
N ILE B 130 -38.23 -8.43 -12.91
CA ILE B 130 -38.36 -9.59 -12.05
C ILE B 130 -39.26 -10.65 -12.70
N LYS B 131 -39.85 -10.31 -13.85
CA LYS B 131 -40.56 -11.29 -14.63
C LYS B 131 -39.59 -12.35 -15.15
N ARG B 132 -38.36 -11.94 -15.45
CA ARG B 132 -37.33 -12.88 -15.89
C ARG B 132 -37.25 -14.06 -14.92
N TRP B 133 -37.44 -13.80 -13.62
CA TRP B 133 -37.41 -14.85 -12.62
C TRP B 133 -38.51 -15.86 -12.85
N GLY B 134 -39.69 -15.39 -13.27
CA GLY B 134 -40.82 -16.27 -13.51
C GLY B 134 -41.57 -16.58 -12.22
N ASP B 135 -41.76 -17.88 -11.94
CA ASP B 135 -42.59 -18.34 -10.84
C ASP B 135 -41.72 -18.63 -9.61
N SER B 136 -40.73 -19.51 -9.76
CA SER B 136 -39.81 -19.82 -8.67
C SER B 136 -38.50 -20.30 -9.25
N GLY B 137 -37.47 -20.32 -8.40
CA GLY B 137 -36.14 -20.70 -8.84
C GLY B 137 -35.05 -20.12 -7.93
N GLU B 138 -33.87 -19.97 -8.50
CA GLU B 138 -32.70 -19.49 -7.77
C GLU B 138 -31.86 -18.60 -8.69
N THR B 139 -31.48 -17.43 -8.18
CA THR B 139 -30.70 -16.47 -8.94
C THR B 139 -29.54 -15.95 -8.10
N ASN B 140 -28.51 -15.46 -8.81
CA ASN B 140 -27.41 -14.75 -8.17
C ASN B 140 -27.85 -13.32 -7.89
N LEU B 141 -28.12 -13.03 -6.62
CA LEU B 141 -28.84 -11.82 -6.26
C LEU B 141 -27.95 -10.60 -6.46
N PHE B 142 -26.66 -10.73 -6.08
CA PHE B 142 -25.71 -9.64 -6.27
C PHE B 142 -25.64 -9.24 -7.74
N VAL B 143 -25.70 -10.22 -8.63
CA VAL B 143 -25.76 -9.95 -10.06
C VAL B 143 -27.14 -9.42 -10.43
N ALA B 144 -28.19 -9.98 -9.81
CA ALA B 144 -29.55 -9.57 -10.09
C ALA B 144 -29.76 -8.10 -9.71
N MET B 145 -29.28 -7.72 -8.52
CA MET B 145 -29.42 -6.34 -8.07
C MET B 145 -28.60 -5.40 -8.94
N SER B 146 -27.38 -5.82 -9.32
CA SER B 146 -26.50 -5.00 -10.13
C SER B 146 -27.22 -4.54 -11.40
N GLU B 147 -27.90 -5.47 -12.08
CA GLU B 147 -28.56 -5.13 -13.33
C GLU B 147 -29.83 -4.32 -13.06
N LEU B 148 -30.59 -4.71 -12.03
CA LEU B 148 -31.82 -3.99 -11.73
C LEU B 148 -31.51 -2.54 -11.35
N ILE B 149 -30.52 -2.34 -10.46
CA ILE B 149 -30.17 -1.00 -10.00
C ILE B 149 -29.77 -0.11 -11.19
N ILE B 150 -29.07 -0.68 -12.17
CA ILE B 150 -28.69 0.08 -13.36
C ILE B 150 -29.95 0.54 -14.09
N LEU B 151 -30.89 -0.38 -14.27
CA LEU B 151 -32.09 -0.06 -15.04
C LEU B 151 -32.86 1.05 -14.31
N THR B 152 -33.16 0.83 -13.03
CA THR B 152 -33.96 1.78 -12.27
C THR B 152 -33.30 3.16 -12.22
N ALA B 153 -32.01 3.19 -11.91
CA ALA B 153 -31.28 4.46 -11.82
C ALA B 153 -31.26 5.18 -13.17
N SER B 154 -31.03 4.43 -14.27
CA SER B 154 -30.95 5.05 -15.58
C SER B 154 -32.29 5.68 -15.97
N SER B 155 -33.38 4.97 -15.67
CA SER B 155 -34.73 5.44 -16.00
C SER B 155 -35.25 6.49 -15.02
N CYS B 156 -34.38 6.99 -14.12
CA CYS B 156 -34.76 8.04 -13.18
C CYS B 156 -33.86 9.26 -13.34
N LEU B 157 -32.54 9.05 -13.46
CA LEU B 157 -31.60 10.15 -13.50
C LEU B 157 -31.24 10.52 -14.94
N HIS B 158 -31.29 9.55 -15.87
CA HIS B 158 -30.88 9.80 -17.24
C HIS B 158 -32.05 10.23 -18.12
N GLY B 159 -33.24 9.72 -17.82
CA GLY B 159 -34.44 10.09 -18.58
C GLY B 159 -35.03 8.90 -19.32
N LYS B 160 -35.93 9.20 -20.27
CA LYS B 160 -36.67 8.18 -21.02
C LYS B 160 -36.06 7.94 -22.39
N GLU B 161 -35.43 8.97 -22.99
CA GLU B 161 -34.72 8.77 -24.24
C GLU B 161 -33.58 7.77 -24.02
N ILE B 162 -32.86 7.93 -22.89
CA ILE B 162 -31.71 7.08 -22.61
C ILE B 162 -32.19 5.67 -22.21
N ARG B 163 -33.38 5.58 -21.62
CA ARG B 163 -33.96 4.28 -21.31
C ARG B 163 -34.26 3.53 -22.60
N SER B 164 -34.94 4.19 -23.54
CA SER B 164 -35.25 3.59 -24.84
C SER B 164 -33.99 3.08 -25.53
N LEU B 165 -32.90 3.87 -25.47
CA LEU B 165 -31.66 3.52 -26.15
C LEU B 165 -30.85 2.47 -25.40
N LEU B 166 -31.25 2.13 -24.16
CA LEU B 166 -30.50 1.19 -23.34
C LEU B 166 -31.23 -0.15 -23.30
N ASN B 167 -30.47 -1.19 -22.93
CA ASN B 167 -30.99 -2.55 -22.83
C ASN B 167 -30.09 -3.39 -21.93
N GLU B 168 -29.74 -4.60 -22.38
CA GLU B 168 -28.83 -5.45 -21.66
C GLU B 168 -27.42 -5.37 -22.24
N LYS B 169 -27.29 -4.87 -23.48
CA LYS B 169 -25.97 -4.68 -24.08
C LYS B 169 -25.16 -3.67 -23.27
N VAL B 170 -25.80 -2.55 -22.91
CA VAL B 170 -25.10 -1.46 -22.23
C VAL B 170 -25.06 -1.71 -20.73
N ALA B 171 -26.03 -2.46 -20.19
CA ALA B 171 -26.06 -2.77 -18.78
C ALA B 171 -24.74 -3.43 -18.34
N GLN B 172 -24.17 -4.24 -19.23
CA GLN B 172 -22.90 -4.90 -18.96
C GLN B 172 -21.75 -3.90 -19.10
N LEU B 173 -21.95 -2.84 -19.87
CA LEU B 173 -20.84 -1.87 -19.94
C LEU B 173 -20.64 -1.19 -18.57
N TYR B 174 -21.73 -0.77 -17.91
CA TYR B 174 -21.60 0.00 -16.64
C TYR B 174 -20.88 -0.80 -15.56
N CYS B 175 -21.15 -2.11 -15.57
CA CYS B 175 -20.51 -2.99 -14.54
C CYS B 175 -19.00 -2.84 -14.64
N ASP B 176 -18.42 -3.06 -15.82
CA ASP B 176 -16.96 -2.91 -15.87
C ASP B 176 -16.64 -1.42 -15.93
N LEU B 177 -17.65 -0.58 -16.18
CA LEU B 177 -17.33 0.86 -16.38
C LEU B 177 -16.75 1.44 -15.09
N ASP B 178 -16.98 0.80 -13.95
CA ASP B 178 -16.50 1.35 -12.66
C ASP B 178 -15.07 0.83 -12.40
N HIS B 183 -12.98 0.53 -8.56
CA HIS B 183 -11.88 -0.03 -7.72
C HIS B 183 -10.96 1.09 -7.23
N GLU B 184 -10.01 0.76 -6.36
CA GLU B 184 -9.09 1.79 -5.77
C GLU B 184 -9.92 2.60 -4.78
N ALA B 185 -11.26 2.59 -4.86
CA ALA B 185 -12.08 3.21 -3.82
C ALA B 185 -12.44 2.13 -2.81
N TRP B 186 -12.45 2.49 -1.52
CA TRP B 186 -12.53 1.48 -0.47
C TRP B 186 -13.96 0.97 -0.32
N LEU B 187 -14.37 0.13 -1.28
CA LEU B 187 -15.68 -0.49 -1.29
C LEU B 187 -15.56 -1.83 -0.58
N LEU B 188 -16.70 -2.28 -0.04
CA LEU B 188 -16.77 -3.62 0.49
C LEU B 188 -16.61 -4.59 -0.68
N PRO B 189 -15.74 -5.62 -0.57
CA PRO B 189 -15.61 -6.60 -1.65
C PRO B 189 -16.90 -7.36 -1.79
N SER B 190 -17.27 -7.65 -3.05
CA SER B 190 -18.50 -8.38 -3.34
C SER B 190 -18.31 -9.23 -4.60
N TRP B 191 -19.35 -10.03 -4.89
CA TRP B 191 -19.32 -11.01 -5.97
C TRP B 191 -19.96 -10.43 -7.23
N LEU B 192 -19.85 -9.12 -7.43
CA LEU B 192 -20.39 -8.50 -8.63
C LEU B 192 -19.58 -8.95 -9.85
N PRO B 193 -20.17 -8.88 -11.06
CA PRO B 193 -19.43 -9.26 -12.28
C PRO B 193 -18.05 -8.63 -12.26
N LEU B 194 -17.02 -9.49 -12.20
CA LEU B 194 -15.64 -9.02 -12.08
C LEU B 194 -14.83 -9.42 -13.31
N PRO B 195 -15.18 -8.98 -14.54
CA PRO B 195 -14.19 -8.97 -15.62
C PRO B 195 -13.28 -7.76 -15.45
N SER B 196 -13.84 -6.69 -14.87
CA SER B 196 -13.13 -5.45 -14.57
C SER B 196 -12.58 -4.80 -15.84
N PHE B 197 -11.93 -5.61 -16.69
CA PHE B 197 -11.40 -5.15 -17.97
C PHE B 197 -12.49 -5.15 -19.04
N ARG B 198 -13.08 -6.33 -19.27
CA ARG B 198 -14.11 -6.51 -20.28
C ARG B 198 -13.62 -5.92 -21.60
N ARG B 199 -13.70 -4.59 -21.74
CA ARG B 199 -13.13 -3.90 -22.90
C ARG B 199 -12.34 -2.69 -22.42
N ARG B 200 -12.98 -1.93 -21.52
CA ARG B 200 -12.37 -0.74 -20.86
C ARG B 200 -12.43 0.63 -21.54
N ASP B 201 -12.75 0.69 -22.83
CA ASP B 201 -12.67 2.00 -23.52
C ASP B 201 -13.93 1.91 -24.38
N ARG B 202 -14.29 0.72 -24.84
CA ARG B 202 -15.41 0.64 -25.76
C ARG B 202 -16.69 1.12 -25.10
N ALA B 203 -16.92 0.68 -23.85
CA ALA B 203 -18.04 1.22 -23.09
C ALA B 203 -17.93 2.75 -23.03
N HIS B 204 -16.78 3.24 -22.59
CA HIS B 204 -16.58 4.68 -22.40
C HIS B 204 -16.87 5.45 -23.69
N ARG B 205 -16.58 4.86 -24.85
CA ARG B 205 -16.83 5.56 -26.12
C ARG B 205 -18.27 5.37 -26.56
N GLU B 206 -18.73 4.11 -26.58
CA GLU B 206 -20.11 3.81 -26.94
C GLU B 206 -21.08 4.61 -26.07
N ILE B 207 -20.94 4.48 -24.75
CA ILE B 207 -21.90 5.08 -23.84
C ILE B 207 -21.85 6.60 -23.98
N LYS B 208 -20.65 7.17 -24.06
CA LYS B 208 -20.51 8.62 -24.18
C LYS B 208 -21.27 9.12 -25.40
N ASN B 209 -21.18 8.38 -26.51
CA ASN B 209 -21.83 8.80 -27.73
C ASN B 209 -23.30 8.41 -27.75
N MET B 210 -23.71 7.50 -26.85
CA MET B 210 -25.13 7.26 -26.64
C MET B 210 -25.79 8.49 -26.01
N PHE B 211 -25.03 9.24 -25.21
CA PHE B 211 -25.54 10.45 -24.57
C PHE B 211 -25.57 11.61 -25.56
N TYR B 212 -24.47 11.80 -26.29
CA TYR B 212 -24.34 12.88 -27.26
C TYR B 212 -25.55 12.93 -28.18
N THR B 213 -25.98 11.76 -28.63
CA THR B 213 -27.10 11.66 -29.56
C THR B 213 -28.40 12.05 -28.84
N ALA B 214 -28.65 11.44 -27.68
CA ALA B 214 -29.86 11.72 -26.92
C ALA B 214 -29.91 13.18 -26.48
N ILE B 215 -28.76 13.76 -26.12
CA ILE B 215 -28.69 15.15 -25.67
C ILE B 215 -29.12 16.09 -26.79
N GLN B 216 -28.81 15.74 -28.04
CA GLN B 216 -29.13 16.59 -29.18
C GLN B 216 -30.64 16.62 -29.43
N LYS B 217 -31.37 15.60 -28.97
CA LYS B 217 -32.81 15.58 -29.13
C LYS B 217 -33.48 16.65 -28.26
N ARG B 218 -32.85 17.00 -27.12
CA ARG B 218 -33.43 17.95 -26.17
C ARG B 218 -33.01 19.39 -26.51
N ARG B 219 -31.87 19.58 -27.20
CA ARG B 219 -31.32 20.91 -27.44
C ARG B 219 -32.26 21.71 -28.35
N THR B 220 -32.36 21.28 -29.61
CA THR B 220 -33.20 21.95 -30.59
C THR B 220 -34.56 21.26 -30.65
N SER B 221 -35.39 21.61 -29.67
CA SER B 221 -36.75 21.11 -29.51
C SER B 221 -37.28 21.75 -28.23
N ASN B 222 -38.61 21.75 -28.06
CA ASN B 222 -39.21 22.36 -26.88
C ASN B 222 -40.05 21.35 -26.11
N GLU B 223 -39.48 20.18 -25.84
CA GLU B 223 -40.07 19.22 -24.91
C GLU B 223 -39.36 19.32 -23.56
N LYS B 224 -39.21 20.58 -23.08
CA LYS B 224 -38.60 20.84 -21.79
C LYS B 224 -39.50 20.27 -20.68
N VAL B 225 -39.03 19.17 -20.10
CA VAL B 225 -39.77 18.46 -19.06
C VAL B 225 -39.01 18.60 -17.74
N ASP B 226 -39.58 18.06 -16.66
CA ASP B 226 -38.89 17.98 -15.40
C ASP B 226 -38.30 16.58 -15.25
N ASP B 227 -37.13 16.38 -15.87
CA ASP B 227 -36.29 15.22 -15.61
C ASP B 227 -34.86 15.70 -15.45
N PHE B 228 -34.02 14.84 -14.85
CA PHE B 228 -32.72 15.25 -14.36
C PHE B 228 -31.84 15.80 -15.49
N LEU B 229 -32.03 15.33 -16.72
CA LEU B 229 -31.24 15.83 -17.84
C LEU B 229 -31.63 17.28 -18.15
N GLN B 230 -32.91 17.61 -18.02
CA GLN B 230 -33.37 18.97 -18.26
C GLN B 230 -32.86 19.93 -17.18
N THR B 231 -32.56 19.41 -15.98
CA THR B 231 -31.93 20.23 -14.95
C THR B 231 -30.53 20.63 -15.40
N LEU B 232 -29.83 19.72 -16.10
CA LEU B 232 -28.46 19.95 -16.51
C LEU B 232 -28.38 20.67 -17.86
N ILE B 233 -29.42 20.51 -18.70
CA ILE B 233 -29.42 21.17 -20.00
C ILE B 233 -29.57 22.69 -19.82
N ASP B 234 -30.52 23.09 -18.96
CA ASP B 234 -30.79 24.50 -18.73
C ASP B 234 -29.82 25.10 -17.70
N ALA B 235 -29.10 24.25 -16.96
CA ALA B 235 -28.20 24.74 -15.91
C ALA B 235 -27.16 25.68 -16.51
N THR B 236 -26.92 26.79 -15.79
CA THR B 236 -25.84 27.71 -16.11
C THR B 236 -24.93 27.80 -14.89
N TYR B 237 -23.61 27.89 -15.14
CA TYR B 237 -22.66 28.19 -14.08
C TYR B 237 -22.97 29.56 -13.48
N LYS B 238 -22.25 29.90 -12.40
CA LYS B 238 -22.32 31.25 -11.87
C LYS B 238 -21.51 32.22 -12.74
N ASP B 239 -20.99 31.74 -13.88
CA ASP B 239 -20.37 32.60 -14.88
C ASP B 239 -21.23 32.67 -16.16
N GLY B 240 -22.43 32.10 -16.14
CA GLY B 240 -23.37 32.23 -17.25
C GLY B 240 -23.31 31.09 -18.27
N HIS B 241 -22.09 30.76 -18.72
CA HIS B 241 -21.89 29.71 -19.71
C HIS B 241 -22.47 28.38 -19.21
N SER B 242 -23.35 27.77 -20.02
CA SER B 242 -23.94 26.49 -19.68
C SER B 242 -22.98 25.35 -20.01
N LEU B 243 -23.33 24.14 -19.56
CA LEU B 243 -22.46 22.97 -19.67
C LEU B 243 -22.42 22.46 -21.11
N SER B 244 -21.29 21.85 -21.48
CA SER B 244 -21.03 21.40 -22.84
C SER B 244 -21.60 20.00 -23.04
N ASP B 245 -21.25 19.38 -24.18
CA ASP B 245 -21.79 18.08 -24.56
C ASP B 245 -21.19 16.95 -23.72
N ASP B 246 -19.88 17.01 -23.48
CA ASP B 246 -19.20 15.93 -22.78
C ASP B 246 -19.48 16.00 -21.28
N GLU B 247 -19.55 17.21 -20.72
CA GLU B 247 -19.73 17.36 -19.28
C GLU B 247 -21.03 16.71 -18.84
N ILE B 248 -22.11 16.92 -19.60
CA ILE B 248 -23.41 16.38 -19.23
C ILE B 248 -23.35 14.85 -19.26
N ALA B 249 -22.57 14.30 -20.21
CA ALA B 249 -22.41 12.86 -20.30
C ALA B 249 -21.49 12.35 -19.18
N GLY B 250 -20.44 13.11 -18.86
CA GLY B 250 -19.56 12.76 -17.76
C GLY B 250 -20.26 12.86 -16.40
N LEU B 251 -21.13 13.87 -16.23
CA LEU B 251 -21.81 14.08 -14.96
C LEU B 251 -22.88 13.01 -14.72
N LEU B 252 -23.52 12.53 -15.79
CA LEU B 252 -24.61 11.57 -15.65
C LEU B 252 -24.09 10.14 -15.52
N ILE B 253 -23.04 9.80 -16.28
CA ILE B 253 -22.42 8.49 -16.14
C ILE B 253 -21.92 8.32 -14.71
N GLY B 254 -21.27 9.34 -14.16
CA GLY B 254 -20.73 9.26 -12.81
C GLY B 254 -21.81 9.16 -11.75
N LEU B 255 -22.99 9.73 -12.02
CA LEU B 255 -24.05 9.73 -11.04
C LEU B 255 -24.73 8.37 -10.97
N LEU B 256 -24.76 7.65 -12.09
CA LEU B 256 -25.29 6.29 -12.11
C LEU B 256 -24.30 5.32 -11.44
N LEU B 257 -22.99 5.61 -11.54
CA LEU B 257 -21.96 4.70 -11.08
C LEU B 257 -21.67 4.89 -9.60
N ALA B 258 -21.66 6.13 -9.11
CA ALA B 258 -21.34 6.40 -7.72
C ALA B 258 -22.37 5.79 -6.78
N GLY B 259 -23.53 5.39 -7.32
CA GLY B 259 -24.57 4.76 -6.52
C GLY B 259 -24.81 3.32 -6.93
N GLN B 260 -23.97 2.81 -7.83
CA GLN B 260 -24.23 1.51 -8.42
C GLN B 260 -23.88 0.43 -7.41
N HIS B 261 -22.59 0.22 -7.18
CA HIS B 261 -22.14 -0.88 -6.29
C HIS B 261 -22.70 -0.64 -4.90
N THR B 262 -22.74 0.62 -4.50
CA THR B 262 -23.22 0.96 -3.14
C THR B 262 -24.64 0.43 -2.97
N SER B 263 -25.57 0.89 -3.80
CA SER B 263 -26.99 0.49 -3.66
C SER B 263 -27.17 -0.99 -3.98
N SER B 264 -26.46 -1.49 -4.99
CA SER B 264 -26.59 -2.91 -5.41
C SER B 264 -26.18 -3.84 -4.27
N THR B 265 -25.04 -3.56 -3.65
CA THR B 265 -24.53 -4.41 -2.55
C THR B 265 -25.51 -4.34 -1.39
N THR B 266 -26.00 -3.13 -1.08
CA THR B 266 -26.92 -2.95 0.07
C THR B 266 -28.21 -3.73 -0.19
N SER B 267 -28.75 -3.61 -1.39
CA SER B 267 -30.03 -4.26 -1.71
C SER B 267 -29.90 -5.78 -1.55
N SER B 268 -28.80 -6.34 -2.03
CA SER B 268 -28.63 -7.82 -2.00
C SER B 268 -28.50 -8.30 -0.55
N TRP B 269 -27.67 -7.65 0.25
CA TRP B 269 -27.44 -8.09 1.65
C TRP B 269 -28.76 -8.09 2.42
N MET B 270 -29.55 -7.02 2.25
CA MET B 270 -30.79 -6.93 2.99
C MET B 270 -31.69 -8.12 2.69
N SER B 271 -31.78 -8.50 1.40
CA SER B 271 -32.54 -9.67 1.01
C SER B 271 -32.04 -10.94 1.71
N PHE B 272 -30.73 -11.16 1.67
CA PHE B 272 -30.13 -12.28 2.39
C PHE B 272 -30.45 -12.19 3.88
N PHE B 273 -30.40 -10.98 4.45
CA PHE B 273 -30.76 -10.80 5.86
C PHE B 273 -32.22 -11.18 6.07
N LEU B 274 -33.09 -10.82 5.13
CA LEU B 274 -34.51 -11.12 5.25
C LEU B 274 -34.78 -12.59 4.93
N ALA B 275 -34.02 -13.17 4.00
CA ALA B 275 -34.18 -14.57 3.64
C ALA B 275 -33.69 -15.49 4.77
N ARG B 276 -32.98 -14.92 5.75
CA ARG B 276 -32.50 -15.70 6.88
C ARG B 276 -33.53 -15.66 8.01
N ASP B 277 -34.13 -14.49 8.25
CA ASP B 277 -35.13 -14.32 9.29
C ASP B 277 -36.50 -14.20 8.63
N LYS B 278 -37.23 -15.32 8.56
CA LYS B 278 -38.47 -15.37 7.80
C LYS B 278 -39.56 -14.55 8.49
N GLN B 279 -39.49 -14.47 9.81
CA GLN B 279 -40.49 -13.66 10.55
C GLN B 279 -40.39 -12.22 10.05
N LEU B 280 -39.17 -11.67 10.01
CA LEU B 280 -39.00 -10.31 9.54
C LEU B 280 -39.49 -10.14 8.11
N GLN B 281 -39.45 -11.22 7.32
CA GLN B 281 -39.96 -11.17 5.95
C GLN B 281 -41.49 -11.20 5.96
N GLU B 282 -42.09 -11.79 7.00
CA GLU B 282 -43.54 -11.77 7.13
C GLU B 282 -43.97 -10.42 7.72
N ARG B 283 -43.35 -10.04 8.83
CA ARG B 283 -43.66 -8.77 9.49
C ARG B 283 -43.58 -7.62 8.49
N CYS B 284 -42.70 -7.75 7.48
CA CYS B 284 -42.51 -6.69 6.49
C CYS B 284 -43.68 -6.66 5.52
N LEU B 285 -44.15 -7.85 5.12
CA LEU B 285 -45.33 -7.95 4.27
C LEU B 285 -46.53 -7.35 5.01
N ALA B 286 -46.68 -7.71 6.29
CA ALA B 286 -47.77 -7.19 7.10
C ALA B 286 -47.80 -5.67 7.01
N GLU B 287 -46.67 -5.03 7.36
CA GLU B 287 -46.57 -3.57 7.31
C GLU B 287 -46.92 -3.03 5.93
N GLN B 288 -46.66 -3.81 4.88
CA GLN B 288 -46.94 -3.38 3.51
C GLN B 288 -48.45 -3.21 3.29
N LYS B 289 -49.19 -4.31 3.46
CA LYS B 289 -50.64 -4.31 3.29
C LYS B 289 -51.35 -3.56 4.42
N ALA B 290 -50.62 -3.21 5.49
CA ALA B 290 -51.20 -2.38 6.55
C ALA B 290 -51.12 -0.89 6.18
N VAL B 291 -50.13 -0.52 5.35
CA VAL B 291 -49.95 0.87 4.98
C VAL B 291 -50.62 1.15 3.63
N CYS B 292 -50.76 0.12 2.79
CA CYS B 292 -51.30 0.32 1.44
C CYS B 292 -52.62 -0.41 1.21
N GLY B 293 -52.86 -1.50 1.92
CA GLY B 293 -54.06 -2.28 1.72
C GLY B 293 -53.77 -3.62 1.06
N GLU B 294 -54.70 -4.54 1.19
CA GLU B 294 -54.46 -5.94 0.87
C GLU B 294 -54.45 -6.14 -0.65
N ASP B 295 -55.04 -5.20 -1.40
CA ASP B 295 -55.02 -5.25 -2.86
C ASP B 295 -53.64 -4.93 -3.43
N LEU B 296 -52.69 -4.54 -2.56
CA LEU B 296 -51.35 -4.15 -2.96
C LEU B 296 -51.42 -3.13 -4.09
N PRO B 297 -51.94 -1.92 -3.84
CA PRO B 297 -52.00 -0.89 -4.87
C PRO B 297 -50.59 -0.36 -5.17
N PRO B 298 -50.38 0.22 -6.37
CA PRO B 298 -49.07 0.79 -6.70
C PRO B 298 -48.56 1.73 -5.61
N LEU B 299 -47.24 1.83 -5.50
CA LEU B 299 -46.61 2.61 -4.45
C LEU B 299 -46.55 4.07 -4.85
N ASP B 300 -46.30 4.93 -3.85
CA ASP B 300 -46.01 6.33 -4.06
C ASP B 300 -45.11 6.82 -2.94
N PHE B 301 -44.43 7.94 -3.20
CA PHE B 301 -43.45 8.50 -2.29
C PHE B 301 -43.96 8.50 -0.86
N ASP B 302 -45.18 8.97 -0.64
CA ASP B 302 -45.70 9.18 0.71
C ASP B 302 -45.69 7.89 1.52
N GLN B 303 -46.21 6.81 0.93
CA GLN B 303 -46.32 5.52 1.61
C GLN B 303 -44.95 5.02 2.08
N LEU B 304 -43.90 5.28 1.30
CA LEU B 304 -42.57 4.76 1.61
C LEU B 304 -42.12 5.21 3.00
N LYS B 305 -42.46 6.45 3.38
CA LYS B 305 -41.88 7.08 4.56
C LYS B 305 -42.36 6.42 5.85
N GLU B 306 -43.54 5.80 5.81
CA GLU B 306 -44.10 5.18 7.01
C GLU B 306 -43.97 3.65 6.99
N LEU B 307 -43.32 3.08 5.98
CA LEU B 307 -42.89 1.69 6.05
C LEU B 307 -41.68 1.63 6.98
N SER B 308 -41.97 1.68 8.28
CA SER B 308 -40.96 1.93 9.30
C SER B 308 -40.09 0.69 9.53
N LEU B 309 -40.72 -0.50 9.50
CA LEU B 309 -39.96 -1.73 9.69
C LEU B 309 -38.97 -1.93 8.53
N LEU B 310 -39.41 -1.67 7.30
CA LEU B 310 -38.53 -1.74 6.14
C LEU B 310 -37.40 -0.74 6.32
N ASP B 311 -37.71 0.49 6.74
CA ASP B 311 -36.70 1.53 6.89
C ASP B 311 -35.64 1.09 7.90
N ARG B 312 -36.05 0.40 8.95
CA ARG B 312 -35.13 -0.05 9.98
C ARG B 312 -34.43 -1.34 9.56
N CYS B 313 -35.00 -2.10 8.63
CA CYS B 313 -34.29 -3.22 8.03
C CYS B 313 -33.19 -2.71 7.10
N LEU B 314 -33.44 -1.61 6.39
CA LEU B 314 -32.46 -1.00 5.52
C LEU B 314 -31.35 -0.38 6.35
N LYS B 315 -31.73 0.33 7.42
CA LYS B 315 -30.73 1.00 8.24
C LYS B 315 -29.86 -0.01 8.97
N GLU B 316 -30.40 -1.21 9.23
CA GLU B 316 -29.64 -2.26 9.90
C GLU B 316 -28.76 -3.00 8.89
N THR B 317 -29.21 -3.12 7.65
CA THR B 317 -28.35 -3.62 6.59
C THR B 317 -27.12 -2.72 6.46
N LEU B 318 -27.37 -1.41 6.36
CA LEU B 318 -26.30 -0.44 6.19
C LEU B 318 -25.42 -0.36 7.43
N ARG B 319 -25.90 -0.88 8.57
CA ARG B 319 -25.12 -0.83 9.79
C ARG B 319 -24.07 -1.95 9.79
N LEU B 320 -24.48 -3.15 9.35
CA LEU B 320 -23.58 -4.29 9.35
C LEU B 320 -22.81 -4.41 8.03
N ARG B 321 -23.37 -3.90 6.92
CA ARG B 321 -22.74 -4.01 5.62
C ARG B 321 -22.70 -2.64 4.92
N PRO B 322 -21.98 -1.66 5.49
CA PRO B 322 -21.79 -0.41 4.77
C PRO B 322 -20.94 -0.65 3.52
N PRO B 323 -21.43 -0.24 2.33
CA PRO B 323 -20.70 -0.49 1.09
C PRO B 323 -19.40 0.27 0.96
N ILE B 324 -19.31 1.46 1.56
CA ILE B 324 -18.04 2.18 1.69
C ILE B 324 -17.36 1.81 3.01
N MET B 325 -16.34 0.98 2.93
CA MET B 325 -15.72 0.43 4.12
C MET B 325 -14.93 1.49 4.89
N THR B 326 -14.30 2.42 4.14
CA THR B 326 -13.44 3.41 4.75
C THR B 326 -13.46 4.69 3.94
N MET B 327 -13.65 5.83 4.63
CA MET B 327 -13.48 7.13 4.02
C MET B 327 -12.08 7.63 4.37
N MET B 328 -11.38 8.19 3.37
CA MET B 328 -9.97 8.53 3.52
C MET B 328 -9.72 9.98 3.12
N ARG B 329 -8.82 10.63 3.85
CA ARG B 329 -8.37 11.98 3.53
C ARG B 329 -6.87 12.03 3.76
N MET B 330 -6.21 12.97 3.06
CA MET B 330 -4.76 13.16 3.17
C MET B 330 -4.48 14.42 4.00
N ALA B 331 -3.65 14.27 5.03
CA ALA B 331 -3.40 15.34 5.98
C ALA B 331 -2.46 16.37 5.36
N ARG B 332 -3.00 17.56 5.04
CA ARG B 332 -2.22 18.64 4.48
C ARG B 332 -1.70 19.58 5.58
N SER B 333 -2.47 19.71 6.66
CA SER B 333 -2.07 20.48 7.83
C SER B 333 -2.15 19.60 9.06
N PRO B 334 -1.27 19.80 10.07
CA PRO B 334 -1.32 19.01 11.30
C PRO B 334 -2.64 19.17 12.04
N GLN B 335 -3.30 18.04 12.32
CA GLN B 335 -4.61 18.05 12.93
C GLN B 335 -4.47 17.59 14.38
N CYS B 336 -5.43 18.00 15.21
CA CYS B 336 -5.41 17.69 16.63
C CYS B 336 -6.65 16.88 16.99
N VAL B 337 -6.43 15.68 17.56
CA VAL B 337 -7.54 14.81 17.97
C VAL B 337 -7.12 13.95 19.16
N ALA B 338 -7.95 13.94 20.22
CA ALA B 338 -7.77 13.06 21.37
C ALA B 338 -6.38 13.23 22.00
N GLY B 339 -5.89 14.47 22.03
CA GLY B 339 -4.58 14.74 22.61
C GLY B 339 -3.41 14.29 21.75
N TYR B 340 -3.65 14.07 20.44
CA TYR B 340 -2.60 13.68 19.50
C TYR B 340 -2.55 14.69 18.36
N THR B 341 -1.38 14.78 17.74
CA THR B 341 -1.18 15.59 16.55
C THR B 341 -0.83 14.67 15.38
N ILE B 342 -1.70 14.66 14.35
CA ILE B 342 -1.46 13.86 13.17
C ILE B 342 -0.56 14.67 12.23
N PRO B 343 0.63 14.17 11.86
CA PRO B 343 1.54 14.95 11.03
C PRO B 343 1.05 15.09 9.59
N VAL B 344 1.72 15.97 8.85
CA VAL B 344 1.45 16.14 7.44
C VAL B 344 1.87 14.86 6.70
N GLY B 345 0.99 14.38 5.82
CA GLY B 345 1.31 13.26 4.95
C GLY B 345 0.63 11.95 5.38
N HIS B 346 0.07 11.90 6.58
CA HIS B 346 -0.68 10.72 7.00
C HIS B 346 -1.97 10.63 6.20
N GLN B 347 -2.40 9.41 5.90
CA GLN B 347 -3.66 9.17 5.23
C GLN B 347 -4.69 8.85 6.31
N VAL B 348 -5.49 9.86 6.67
CA VAL B 348 -6.43 9.74 7.78
C VAL B 348 -7.65 8.98 7.28
N CYS B 349 -8.13 8.05 8.10
CA CYS B 349 -9.15 7.11 7.66
C CYS B 349 -10.22 6.97 8.74
N VAL B 350 -11.49 6.97 8.32
CA VAL B 350 -12.60 6.63 9.20
C VAL B 350 -13.30 5.42 8.58
N SER B 351 -13.67 4.46 9.43
CA SER B 351 -14.27 3.23 8.96
C SER B 351 -15.69 3.14 9.49
N PRO B 352 -16.72 3.39 8.66
CA PRO B 352 -18.10 3.15 9.09
C PRO B 352 -18.29 1.75 9.67
N THR B 353 -17.70 0.73 9.02
CA THR B 353 -17.88 -0.65 9.45
C THR B 353 -17.48 -0.78 10.91
N VAL B 354 -16.30 -0.24 11.26
CA VAL B 354 -15.80 -0.36 12.62
C VAL B 354 -16.70 0.38 13.60
N ASN B 355 -16.89 1.69 13.36
CA ASN B 355 -17.69 2.53 14.25
C ASN B 355 -19.11 1.98 14.44
N GLN B 356 -19.67 1.30 13.43
CA GLN B 356 -21.01 0.74 13.51
C GLN B 356 -21.01 -0.68 14.08
N ARG B 357 -19.88 -1.11 14.67
CA ARG B 357 -19.76 -2.47 15.19
C ARG B 357 -19.10 -2.47 16.58
N LEU B 358 -18.50 -1.33 16.97
CA LEU B 358 -17.68 -1.30 18.17
C LEU B 358 -18.50 -1.76 19.37
N PRO B 359 -18.02 -2.74 20.16
CA PRO B 359 -18.81 -3.28 21.27
C PRO B 359 -19.14 -2.28 22.38
N ASP B 360 -18.29 -1.26 22.58
CA ASP B 360 -18.57 -0.22 23.56
C ASP B 360 -19.62 0.79 23.06
N SER B 361 -20.36 0.46 22.00
CA SER B 361 -21.36 1.36 21.46
C SER B 361 -22.59 0.63 20.91
N TRP B 362 -22.54 -0.72 20.84
CA TRP B 362 -23.63 -1.47 20.24
C TRP B 362 -23.86 -2.74 21.05
N THR B 363 -25.13 -3.03 21.31
CA THR B 363 -25.52 -4.26 22.00
C THR B 363 -25.82 -5.34 20.95
N GLU B 364 -25.32 -6.54 21.19
CA GLU B 364 -25.51 -7.67 20.28
C GLU B 364 -25.10 -7.22 18.88
N ARG B 365 -23.83 -6.84 18.79
CA ARG B 365 -23.32 -6.04 17.68
C ARG B 365 -23.48 -6.76 16.35
N ASP B 366 -23.22 -8.07 16.30
CA ASP B 366 -23.16 -8.76 15.02
C ASP B 366 -24.50 -9.39 14.63
N GLU B 367 -25.55 -9.16 15.44
CA GLU B 367 -26.86 -9.72 15.13
C GLU B 367 -27.66 -8.69 14.32
N PHE B 368 -28.42 -9.19 13.35
CA PHE B 368 -29.28 -8.37 12.50
C PHE B 368 -30.63 -8.13 13.20
N ASN B 369 -30.72 -7.02 13.96
CA ASN B 369 -31.92 -6.70 14.71
C ASN B 369 -32.37 -5.29 14.37
N PRO B 370 -33.33 -5.13 13.43
CA PRO B 370 -33.81 -3.79 13.08
C PRO B 370 -34.51 -3.06 14.23
N ASP B 371 -35.02 -3.83 15.22
CA ASP B 371 -35.77 -3.26 16.33
C ASP B 371 -34.86 -2.59 17.36
N ARG B 372 -33.54 -2.55 17.13
CA ARG B 372 -32.65 -1.88 18.07
C ARG B 372 -32.85 -0.36 18.02
N TYR B 373 -33.44 0.14 16.92
CA TYR B 373 -33.63 1.57 16.76
C TYR B 373 -34.93 2.02 17.42
N LEU B 374 -35.74 1.08 17.90
CA LEU B 374 -36.93 1.44 18.64
C LEU B 374 -36.55 1.82 20.08
N THR B 375 -35.47 1.21 20.60
CA THR B 375 -34.97 1.50 21.93
C THR B 375 -33.81 2.49 21.82
N ASP B 376 -32.95 2.53 22.85
CA ASP B 376 -31.74 3.34 22.80
C ASP B 376 -30.71 2.70 21.88
N ASN B 377 -29.93 3.57 21.21
CA ASN B 377 -28.97 3.12 20.22
C ASN B 377 -27.99 4.25 19.93
N ALA B 378 -26.85 3.88 19.32
CA ALA B 378 -25.80 4.82 19.00
C ALA B 378 -26.15 5.64 17.75
N ALA B 379 -27.06 5.13 16.89
CA ALA B 379 -27.43 5.84 15.68
C ALA B 379 -27.95 7.25 15.99
N THR B 380 -28.67 7.40 17.12
CA THR B 380 -29.19 8.69 17.55
C THR B 380 -28.53 9.18 18.85
N GLY B 381 -28.18 8.25 19.74
CA GLY B 381 -27.54 8.60 21.00
C GLY B 381 -26.08 9.01 20.83
N GLU B 382 -25.48 8.73 19.67
CA GLU B 382 -24.12 9.16 19.37
C GLU B 382 -24.11 9.94 18.06
N LYS B 383 -23.07 10.75 17.88
CA LYS B 383 -22.99 11.62 16.72
C LYS B 383 -22.43 10.88 15.49
N PHE B 384 -21.27 10.22 15.64
CA PHE B 384 -20.56 9.65 14.51
C PHE B 384 -20.27 8.17 14.72
N ALA B 385 -21.28 7.43 15.19
CA ALA B 385 -21.17 5.98 15.33
C ALA B 385 -21.92 5.24 14.22
N TYR B 386 -22.82 5.94 13.53
CA TYR B 386 -23.56 5.40 12.40
C TYR B 386 -23.39 6.36 11.23
N VAL B 387 -22.50 6.03 10.28
CA VAL B 387 -22.16 6.95 9.20
C VAL B 387 -22.08 6.26 7.85
N PRO B 388 -23.07 5.47 7.40
CA PRO B 388 -22.96 4.79 6.12
C PRO B 388 -22.83 5.78 4.96
N PHE B 389 -23.59 6.87 5.02
CA PHE B 389 -23.55 7.89 3.97
C PHE B 389 -22.58 9.01 4.31
N GLY B 390 -21.74 8.82 5.33
CA GLY B 390 -20.90 9.90 5.81
C GLY B 390 -21.65 10.74 6.86
N ALA B 391 -21.10 11.93 7.12
CA ALA B 391 -21.63 12.79 8.16
C ALA B 391 -21.04 14.19 8.01
N GLY B 392 -21.71 15.16 8.64
CA GLY B 392 -21.25 16.52 8.70
C GLY B 392 -21.03 17.09 7.31
N ARG B 393 -19.83 17.62 7.08
CA ARG B 393 -19.50 18.31 5.84
C ARG B 393 -19.27 17.36 4.66
N HIS B 394 -19.09 16.07 4.93
CA HIS B 394 -18.79 15.10 3.90
C HIS B 394 -19.87 14.03 3.94
N ARG B 395 -20.84 14.13 3.01
CA ARG B 395 -22.01 13.27 3.04
C ARG B 395 -22.43 12.91 1.62
N CYS B 396 -23.06 11.73 1.50
CA CYS B 396 -23.57 11.26 0.22
C CYS B 396 -24.77 12.10 -0.21
N ILE B 397 -24.73 12.62 -1.44
CA ILE B 397 -25.84 13.39 -1.97
C ILE B 397 -26.92 12.47 -2.52
N GLY B 398 -26.58 11.23 -2.82
CA GLY B 398 -27.54 10.26 -3.34
C GLY B 398 -28.33 9.54 -2.24
N GLU B 399 -28.09 9.91 -0.96
CA GLU B 399 -28.75 9.24 0.16
C GLU B 399 -30.27 9.22 0.00
N GLY B 400 -30.86 10.36 -0.39
CA GLY B 400 -32.30 10.43 -0.58
C GLY B 400 -32.78 9.47 -1.66
N PHE B 401 -32.16 9.58 -2.85
CA PHE B 401 -32.49 8.70 -3.95
C PHE B 401 -32.25 7.23 -3.57
N ALA B 402 -31.22 6.97 -2.75
CA ALA B 402 -30.90 5.62 -2.33
C ALA B 402 -32.06 5.00 -1.53
N TYR B 403 -32.55 5.71 -0.52
CA TYR B 403 -33.66 5.22 0.29
C TYR B 403 -34.89 5.02 -0.60
N VAL B 404 -35.11 5.96 -1.53
CA VAL B 404 -36.25 5.85 -2.43
C VAL B 404 -36.11 4.61 -3.31
N GLN B 405 -34.97 4.50 -4.01
CA GLN B 405 -34.70 3.36 -4.88
C GLN B 405 -34.83 2.05 -4.12
N LEU B 406 -34.10 1.92 -2.99
CA LEU B 406 -34.00 0.65 -2.30
C LEU B 406 -35.35 0.24 -1.72
N LYS B 407 -36.03 1.19 -1.06
CA LYS B 407 -37.31 0.88 -0.44
C LYS B 407 -38.35 0.50 -1.48
N THR B 408 -38.39 1.23 -2.61
CA THR B 408 -39.30 0.89 -3.68
C THR B 408 -39.01 -0.51 -4.23
N ILE B 409 -37.71 -0.80 -4.48
CA ILE B 409 -37.32 -2.07 -5.06
C ILE B 409 -37.66 -3.19 -4.08
N LEU B 410 -37.20 -3.06 -2.83
CA LEU B 410 -37.36 -4.14 -1.86
C LEU B 410 -38.84 -4.41 -1.63
N SER B 411 -39.66 -3.37 -1.59
CA SER B 411 -41.10 -3.51 -1.43
C SER B 411 -41.68 -4.34 -2.58
N THR B 412 -41.34 -3.97 -3.82
CA THR B 412 -41.82 -4.69 -4.99
C THR B 412 -41.41 -6.16 -4.92
N LEU B 413 -40.27 -6.46 -4.29
CA LEU B 413 -39.79 -7.83 -4.18
C LEU B 413 -40.52 -8.56 -3.06
N ILE B 414 -40.60 -7.92 -1.89
CA ILE B 414 -41.26 -8.55 -0.75
C ILE B 414 -42.73 -8.81 -1.08
N ARG B 415 -43.31 -8.00 -1.97
CA ARG B 415 -44.68 -8.21 -2.39
C ARG B 415 -44.78 -9.46 -3.26
N LYS B 416 -44.09 -9.45 -4.41
CA LYS B 416 -44.33 -10.43 -5.46
C LYS B 416 -43.54 -11.72 -5.23
N PHE B 417 -42.71 -11.79 -4.18
CA PHE B 417 -41.87 -12.95 -3.96
C PHE B 417 -41.57 -13.16 -2.48
N GLU B 418 -41.32 -14.41 -2.13
CA GLU B 418 -40.75 -14.79 -0.85
C GLU B 418 -39.33 -15.32 -1.07
N PHE B 419 -38.46 -15.11 -0.08
CA PHE B 419 -37.05 -15.43 -0.21
C PHE B 419 -36.60 -16.36 0.90
N ASP B 420 -35.63 -17.22 0.57
CA ASP B 420 -35.05 -18.14 1.53
C ASP B 420 -33.61 -18.45 1.11
N LEU B 421 -32.83 -18.91 2.06
CA LEU B 421 -31.44 -19.24 1.80
C LEU B 421 -31.35 -20.59 1.09
N VAL B 422 -30.43 -20.69 0.12
CA VAL B 422 -30.20 -21.94 -0.59
C VAL B 422 -29.36 -22.86 0.29
N ASP B 423 -29.98 -23.97 0.73
CA ASP B 423 -29.33 -24.97 1.57
C ASP B 423 -28.99 -24.40 2.96
N GLY B 424 -29.54 -23.22 3.29
CA GLY B 424 -29.18 -22.52 4.52
C GLY B 424 -27.90 -21.70 4.41
N TYR B 425 -27.40 -21.49 3.18
CA TYR B 425 -26.14 -20.79 2.96
C TYR B 425 -26.36 -19.28 3.10
N PHE B 426 -25.64 -18.67 4.04
CA PHE B 426 -25.61 -17.23 4.19
C PHE B 426 -24.23 -16.73 3.75
N PRO B 427 -24.15 -15.85 2.73
CA PRO B 427 -22.85 -15.48 2.16
C PRO B 427 -21.97 -14.71 3.15
N THR B 428 -20.66 -14.93 3.02
CA THR B 428 -19.68 -14.34 3.90
C THR B 428 -18.69 -13.50 3.09
N ILE B 429 -18.20 -12.43 3.71
CA ILE B 429 -17.22 -11.55 3.09
C ILE B 429 -15.83 -12.18 3.17
N ASN B 430 -15.13 -12.18 2.03
CA ASN B 430 -13.79 -12.72 1.95
C ASN B 430 -12.80 -11.64 1.51
N PHE B 431 -11.79 -11.40 2.35
CA PHE B 431 -10.70 -10.49 2.00
C PHE B 431 -9.44 -11.23 1.56
N THR B 432 -9.43 -12.57 1.64
CA THR B 432 -8.21 -13.35 1.40
C THR B 432 -8.16 -13.94 -0.01
N THR B 433 -9.30 -14.04 -0.68
CA THR B 433 -9.33 -14.55 -2.04
C THR B 433 -9.38 -13.40 -3.05
N MET B 434 -8.24 -13.15 -3.70
CA MET B 434 -8.05 -11.99 -4.54
C MET B 434 -8.78 -12.11 -5.88
N ILE B 435 -8.91 -13.35 -6.39
CA ILE B 435 -9.59 -13.58 -7.66
C ILE B 435 -10.39 -14.88 -7.60
N HIS B 436 -10.53 -15.47 -6.40
CA HIS B 436 -11.13 -16.79 -6.23
C HIS B 436 -12.27 -16.72 -5.22
N THR B 437 -13.44 -16.23 -5.65
CA THR B 437 -14.57 -16.15 -4.74
C THR B 437 -15.05 -17.56 -4.40
N PRO B 438 -15.44 -17.82 -3.13
CA PRO B 438 -15.94 -19.13 -2.75
C PRO B 438 -17.38 -19.31 -3.22
N ASN B 439 -17.51 -19.63 -4.52
CA ASN B 439 -18.78 -19.92 -5.16
C ASN B 439 -19.62 -18.65 -5.23
N ASN B 440 -20.51 -18.58 -6.22
CA ASN B 440 -21.44 -17.46 -6.31
C ASN B 440 -22.47 -17.55 -5.20
N PRO B 441 -22.96 -16.40 -4.69
CA PRO B 441 -24.03 -16.40 -3.70
C PRO B 441 -25.42 -16.38 -4.32
N VAL B 442 -26.18 -17.44 -4.01
CA VAL B 442 -27.46 -17.67 -4.64
C VAL B 442 -28.55 -17.58 -3.56
N ILE B 443 -29.75 -17.17 -3.98
CA ILE B 443 -30.91 -17.13 -3.12
C ILE B 443 -32.06 -17.81 -3.85
N ARG B 444 -33.02 -18.32 -3.07
CA ARG B 444 -34.20 -18.97 -3.62
C ARG B 444 -35.40 -18.03 -3.50
N TYR B 445 -36.20 -17.97 -4.57
CA TYR B 445 -37.36 -17.09 -4.63
C TYR B 445 -38.61 -17.90 -4.97
N ARG B 446 -39.76 -17.37 -4.53
CA ARG B 446 -41.04 -18.05 -4.66
C ARG B 446 -42.12 -16.99 -4.83
N SER B 447 -42.91 -17.10 -5.91
CA SER B 447 -43.95 -16.10 -6.18
C SER B 447 -44.93 -16.12 -5.02
N ARG B 448 -44.95 -15.03 -4.23
CA ARG B 448 -45.79 -14.96 -3.05
C ARG B 448 -47.26 -15.04 -3.49
CHA HEM C . 22.28 3.16 -2.65
CHB HEM C . 22.52 -1.67 -2.15
CHC HEM C . 26.03 -1.16 1.18
CHD HEM C . 25.48 3.62 0.98
C1A HEM C . 22.10 1.80 -2.81
C2A HEM C . 21.27 1.24 -3.84
C3A HEM C . 21.33 -0.12 -3.69
C4A HEM C . 22.19 -0.41 -2.59
CMA HEM C . 20.59 -1.15 -4.56
CAA HEM C . 20.46 1.95 -4.91
CBA HEM C . 19.03 2.20 -4.45
CGA HEM C . 18.26 2.94 -5.52
O1A HEM C . 17.00 2.94 -5.46
O2A HEM C . 18.88 3.54 -6.45
C1B HEM C . 23.51 -1.94 -1.21
C2B HEM C . 23.96 -3.26 -0.89
C3B HEM C . 24.96 -3.15 0.06
C4B HEM C . 25.10 -1.69 0.28
CMB HEM C . 23.43 -4.54 -1.51
CAB HEM C . 25.79 -4.17 0.78
CBB HEM C . 25.68 -5.47 0.60
C1C HEM C . 26.23 0.19 1.41
C2C HEM C . 27.30 0.76 2.14
C3C HEM C . 27.15 2.14 2.09
C4C HEM C . 25.96 2.38 1.31
CMC HEM C . 28.41 -0.04 2.82
CAC HEM C . 28.01 3.20 2.68
CBC HEM C . 29.17 3.03 3.29
C1D HEM C . 24.59 3.86 -0.07
C2D HEM C . 24.27 5.24 -0.48
C3D HEM C . 23.39 5.15 -1.49
C4D HEM C . 23.16 3.68 -1.69
CMD HEM C . 24.82 6.55 0.10
CAD HEM C . 22.84 6.38 -2.20
CBD HEM C . 21.33 6.38 -2.51
CGD HEM C . 21.16 7.14 -3.82
O1D HEM C . 21.79 6.78 -4.84
O2D HEM C . 20.42 8.16 -3.91
NA HEM C . 22.64 0.77 -2.06
NB HEM C . 24.22 -1.05 -0.51
NC HEM C . 25.42 1.16 0.91
ND HEM C . 23.91 2.95 -0.80
FE HEM C . 23.96 1.02 -0.60
CHA HEM D . -20.42 10.20 -1.72
CHB HEM D . -22.20 6.37 0.65
CHC HEM D . -25.47 5.82 -2.86
CHD HEM D . -23.57 9.48 -5.31
C1A HEM D . -20.63 9.20 -0.77
C2A HEM D . -19.94 9.15 0.47
C3A HEM D . -20.44 8.07 1.15
C4A HEM D . -21.44 7.48 0.32
CMA HEM D . -19.98 7.61 2.53
CAA HEM D . -18.83 10.08 0.97
CBA HEM D . -17.46 9.52 0.55
CGA HEM D . -16.36 10.45 0.99
O1A HEM D . -15.18 10.03 1.09
O2A HEM D . -16.61 11.64 1.28
C1B HEM D . -23.27 5.89 -0.12
C2B HEM D . -24.11 4.79 0.30
C3B HEM D . -25.04 4.60 -0.70
C4B HEM D . -24.73 5.66 -1.72
CMB HEM D . -23.96 4.01 1.59
CAB HEM D . -26.16 3.61 -0.82
CBB HEM D . -26.41 2.61 0.02
C1C HEM D . -25.30 6.80 -3.81
C2C HEM D . -26.22 7.14 -4.82
C3C HEM D . -25.68 8.20 -5.54
C4C HEM D . -24.43 8.46 -4.92
CMC HEM D . -27.58 6.47 -5.04
CAC HEM D . -26.22 8.97 -6.71
CBC HEM D . -27.43 8.80 -7.27
C1D HEM D . -22.56 9.99 -4.48
C2D HEM D . -21.80 11.19 -4.88
C3D HEM D . -20.91 11.40 -3.90
C4D HEM D . -21.16 10.32 -2.90
CMD HEM D . -21.93 12.03 -6.14
CAD HEM D . -19.93 12.57 -3.88
CBD HEM D . -18.52 12.25 -3.42
CGD HEM D . -18.00 13.43 -2.61
O1D HEM D . -18.64 13.85 -1.62
O2D HEM D . -16.95 14.02 -2.94
NA HEM D . -21.56 8.19 -0.84
NB HEM D . -23.71 6.38 -1.30
NC HEM D . -24.22 7.59 -3.88
ND HEM D . -22.16 9.50 -3.30
FE HEM D . -22.82 7.95 -2.39
#